data_1D0Y
#
_entry.id   1D0Y
#
_cell.length_a   103.8
_cell.length_b   180.3
_cell.length_c   54.0
_cell.angle_alpha   90.
_cell.angle_beta   90.
_cell.angle_gamma   90.
#
_symmetry.space_group_name_H-M   'P 21 21 2'
#
loop_
_entity.id
_entity.type
_entity.pdbx_description
1 polymer 'MYOSIN S1DC MOTOR DOMAIN'
2 non-polymer 'MAGNESIUM ION'
3 non-polymer 'O-NITROPHENYL AMINOETHYLDIPHOSPHATE BERYLLIUM TRIFLUORIDE'
4 water water
#
_entity_poly.entity_id   1
_entity_poly.type   'polypeptide(L)'
_entity_poly.pdbx_seq_one_letter_code
;MNPIHDRTSDYHKYLKVKQGDSDLFKLTVSDKRYIWYNPDPKERDSYECGEIVSETSDSFTFKTVDGQDRQVKKDDANQR
NPIKFDGVEDMSELSYLNEPAVFHNLRVRYNQDLIYTYSGLFLVAVNPFKRIPIYTQEMVDIFKGRRRNEVAPHIFAISD
VAYRSMLDDRQNQSLLITGESGAGKTENTKKVIQYLASVAGRNQANGSGVLEQQILQANPILEAFGNAKTTRNNNSSRFG
KFIEIQFNNAGFISGASIQSYLLEKSRVVFQSETERNYHIFYQLLAGATAEEKKALHLAGPESFNYLNQSGCVDIKGVSD
SEEFKITRQAMDIVGFSQEEQMSIFKIIAGILHLGNIKFEKGAGEGAVLKDKTALNAASTVFGVNPSVLEKALMEPRILA
GRDLVAQHLNVEKSSSSRDALVKALYGRLFLWLVKKINNVLCQERKAYFIGVLDISGFEIFKVNSFEQLCINYTNEKLQQ
FFNHHMFKLEQEEYLKEKINWTFIDFGLDSQATIDLIDGRQPPGILALLDEQSVFPNATDNTLITKLHSHFSKKNAKYEE
PRFSKTEFGVTHYAGQVMYEIQDWLEKNKDPLQQDLELCFKDSSDNVVTKLFNDPNIASRAKKGANFITVAAQYKEQLAS
LMATLETTNPHFVRCIIPNNKQLPAKLEDKVVLDQLRCNGVLEGIRITRKGFPNRIIYADFVKRYYLLAPNVPRDAEDSQ
KATDAVLKHLNIDPEQYRFGITKIFFRAGQLARIEEAREPN
;
_entity_poly.pdbx_strand_id   A
#
# COMPACT_ATOMS: atom_id res chain seq x y z
N ASN A 2 -6.71 -31.77 14.35
CA ASN A 2 -6.05 -30.85 13.45
C ASN A 2 -7.00 -30.27 12.44
N PRO A 3 -7.50 -29.05 12.71
CA PRO A 3 -8.42 -28.37 11.83
C PRO A 3 -8.08 -28.58 10.39
N ILE A 4 -6.76 -28.67 10.13
CA ILE A 4 -6.25 -28.86 8.78
C ILE A 4 -6.71 -30.15 8.17
N HIS A 5 -6.95 -31.13 9.03
CA HIS A 5 -7.41 -32.42 8.59
C HIS A 5 -8.89 -32.58 8.89
N ASP A 6 -9.46 -31.65 9.67
CA ASP A 6 -10.87 -31.76 9.92
C ASP A 6 -11.69 -30.95 8.93
N ARG A 7 -12.26 -31.64 7.97
CA ARG A 7 -13.08 -31.01 6.96
C ARG A 7 -14.30 -30.30 7.51
N THR A 8 -14.58 -30.43 8.79
CA THR A 8 -15.73 -29.74 9.38
C THR A 8 -15.28 -28.42 10.05
N SER A 9 -13.94 -28.18 10.17
CA SER A 9 -13.44 -26.98 10.84
C SER A 9 -13.76 -25.71 10.07
N ASP A 10 -13.63 -24.55 10.75
CA ASP A 10 -13.81 -23.21 10.14
C ASP A 10 -12.65 -22.97 9.16
N TYR A 11 -11.53 -23.61 9.49
CA TYR A 11 -10.34 -23.61 8.68
C TYR A 11 -10.76 -24.09 7.30
N HIS A 12 -11.49 -25.18 7.34
CA HIS A 12 -11.95 -25.69 6.09
C HIS A 12 -13.02 -24.82 5.50
N LYS A 13 -13.97 -24.40 6.33
CA LYS A 13 -15.11 -23.64 5.81
C LYS A 13 -14.66 -22.36 5.12
N TYR A 14 -13.82 -21.69 5.84
CA TYR A 14 -13.39 -20.40 5.43
C TYR A 14 -12.12 -20.22 4.60
N LEU A 15 -11.24 -21.22 4.53
CA LEU A 15 -9.98 -20.99 3.82
C LEU A 15 -9.72 -21.99 2.73
N LYS A 16 -10.60 -22.97 2.63
CA LYS A 16 -10.30 -23.93 1.57
C LYS A 16 -11.42 -24.10 0.58
N VAL A 17 -11.11 -24.63 -0.61
CA VAL A 17 -12.21 -24.90 -1.54
C VAL A 17 -12.81 -26.16 -0.97
N LYS A 18 -14.13 -26.21 -0.70
CA LYS A 18 -14.76 -27.42 -0.10
C LYS A 18 -14.49 -28.73 -0.85
N GLN A 19 -13.99 -29.74 -0.08
CA GLN A 19 -13.65 -31.05 -0.65
C GLN A 19 -14.73 -32.08 -0.48
N GLY A 20 -15.15 -32.66 -1.61
CA GLY A 20 -16.18 -33.68 -1.62
C GLY A 20 -15.60 -35.00 -1.17
N ASP A 21 -16.39 -36.04 -1.34
CA ASP A 21 -16.03 -37.39 -1.00
C ASP A 21 -14.96 -37.91 -1.91
N SER A 22 -15.22 -37.82 -3.20
CA SER A 22 -14.24 -38.29 -4.17
C SER A 22 -13.17 -37.27 -4.60
N ASP A 23 -12.05 -37.83 -5.01
CA ASP A 23 -10.90 -37.06 -5.45
C ASP A 23 -10.52 -37.37 -6.90
N LEU A 24 -11.04 -38.53 -7.31
CA LEU A 24 -10.79 -39.14 -8.60
C LEU A 24 -10.88 -38.25 -9.81
N PHE A 25 -10.01 -38.54 -10.76
CA PHE A 25 -9.82 -37.85 -12.04
C PHE A 25 -11.10 -37.80 -12.89
N LYS A 26 -11.63 -39.04 -13.15
CA LYS A 26 -12.85 -39.25 -13.90
C LYS A 26 -13.85 -38.09 -13.72
N LEU A 27 -14.06 -37.68 -12.47
CA LEU A 27 -15.00 -36.66 -12.05
C LEU A 27 -15.12 -35.47 -12.95
N THR A 28 -13.99 -34.82 -13.14
CA THR A 28 -13.89 -33.58 -13.88
C THR A 28 -13.80 -33.81 -15.37
N VAL A 29 -14.02 -35.02 -15.80
CA VAL A 29 -13.93 -35.28 -17.21
C VAL A 29 -15.02 -34.56 -18.05
N SER A 30 -14.60 -34.09 -19.25
CA SER A 30 -15.48 -33.41 -20.19
C SER A 30 -14.86 -33.20 -21.56
N ASP A 31 -15.69 -33.40 -22.59
CA ASP A 31 -15.39 -33.21 -24.00
C ASP A 31 -15.13 -31.71 -24.33
N LYS A 32 -15.99 -30.85 -23.77
CA LYS A 32 -16.05 -29.40 -23.88
C LYS A 32 -14.74 -28.66 -23.64
N ARG A 33 -14.41 -27.79 -24.59
CA ARG A 33 -13.18 -27.00 -24.57
C ARG A 33 -13.53 -25.52 -24.70
N TYR A 34 -13.12 -24.73 -23.74
CA TYR A 34 -13.53 -23.35 -23.81
C TYR A 34 -12.51 -22.27 -24.16
N ILE A 35 -13.01 -21.07 -24.35
CA ILE A 35 -12.12 -19.95 -24.66
C ILE A 35 -12.58 -18.67 -23.95
N TRP A 36 -11.65 -17.76 -23.64
CA TRP A 36 -12.11 -16.51 -22.99
C TRP A 36 -12.14 -15.47 -24.11
N TYR A 37 -13.28 -14.81 -24.33
CA TYR A 37 -13.42 -13.77 -25.38
C TYR A 37 -14.09 -12.51 -24.81
N ASN A 38 -13.79 -11.34 -25.39
CA ASN A 38 -14.37 -10.06 -25.05
C ASN A 38 -15.65 -9.94 -25.86
N PRO A 39 -16.83 -10.18 -25.26
CA PRO A 39 -18.10 -10.15 -25.95
C PRO A 39 -18.33 -8.86 -26.76
N ASP A 40 -17.33 -8.01 -26.69
CA ASP A 40 -17.30 -6.65 -27.22
C ASP A 40 -16.03 -5.92 -26.96
N PRO A 41 -15.09 -5.69 -27.86
CA PRO A 41 -14.03 -4.78 -27.50
C PRO A 41 -14.69 -3.39 -27.17
N LYS A 42 -15.96 -3.54 -26.73
CA LYS A 42 -16.85 -2.47 -26.20
C LYS A 42 -16.60 -2.57 -24.69
N GLU A 43 -15.49 -3.22 -24.48
CA GLU A 43 -14.93 -3.59 -23.19
C GLU A 43 -13.59 -4.27 -23.44
N ARG A 44 -12.68 -4.41 -22.52
CA ARG A 44 -11.53 -5.35 -22.91
C ARG A 44 -11.08 -6.19 -21.67
N ASP A 45 -11.97 -6.21 -20.68
CA ASP A 45 -11.78 -6.93 -19.41
C ASP A 45 -13.08 -7.60 -19.00
N SER A 46 -13.89 -7.33 -19.94
CA SER A 46 -15.08 -8.07 -19.86
C SER A 46 -14.89 -9.20 -20.86
N TYR A 47 -15.23 -10.39 -20.40
CA TYR A 47 -15.08 -11.55 -21.20
C TYR A 47 -16.15 -12.48 -20.81
N GLU A 48 -16.42 -13.38 -21.69
CA GLU A 48 -17.34 -14.45 -21.56
C GLU A 48 -16.59 -15.67 -22.09
N CYS A 49 -17.09 -16.84 -21.79
CA CYS A 49 -16.49 -18.10 -22.11
C CYS A 49 -17.19 -18.67 -23.30
N GLY A 50 -16.45 -18.87 -24.36
CA GLY A 50 -17.13 -19.43 -25.48
C GLY A 50 -16.63 -20.82 -25.66
N GLU A 51 -17.49 -21.71 -26.09
CA GLU A 51 -17.03 -23.07 -26.30
C GLU A 51 -16.53 -23.20 -27.72
N ILE A 52 -15.38 -23.83 -27.86
CA ILE A 52 -14.81 -24.04 -29.15
C ILE A 52 -15.65 -25.16 -29.72
N VAL A 53 -16.21 -24.91 -30.91
CA VAL A 53 -17.07 -25.83 -31.63
C VAL A 53 -16.38 -26.37 -32.88
N SER A 54 -15.21 -25.79 -33.13
CA SER A 54 -14.43 -26.17 -34.27
C SER A 54 -13.16 -25.39 -34.38
N GLU A 55 -12.32 -25.92 -35.26
CA GLU A 55 -11.03 -25.33 -35.53
C GLU A 55 -10.43 -25.75 -36.84
N THR A 56 -9.54 -24.89 -37.20
CA THR A 56 -8.73 -25.06 -38.35
C THR A 56 -7.34 -25.06 -37.80
N SER A 57 -6.43 -25.50 -38.62
CA SER A 57 -5.01 -25.59 -38.37
C SER A 57 -4.36 -24.33 -37.81
N ASP A 58 -5.03 -23.19 -37.96
CA ASP A 58 -4.49 -21.90 -37.53
C ASP A 58 -5.40 -21.07 -36.61
N SER A 59 -6.67 -21.44 -36.52
CA SER A 59 -7.60 -20.66 -35.72
C SER A 59 -8.76 -21.48 -35.16
N PHE A 60 -9.35 -20.99 -34.09
CA PHE A 60 -10.49 -21.70 -33.56
C PHE A 60 -11.82 -21.05 -33.92
N THR A 61 -12.86 -21.77 -33.64
CA THR A 61 -14.14 -21.21 -33.89
C THR A 61 -14.96 -21.56 -32.67
N PHE A 62 -15.57 -20.57 -32.04
CA PHE A 62 -16.36 -20.87 -30.87
C PHE A 62 -17.74 -20.23 -30.83
N LYS A 63 -18.58 -20.71 -29.97
CA LYS A 63 -19.86 -20.06 -29.93
C LYS A 63 -19.77 -18.90 -28.94
N THR A 64 -20.70 -18.01 -28.95
CA THR A 64 -20.67 -16.96 -27.97
C THR A 64 -21.86 -17.29 -27.06
N VAL A 65 -22.16 -16.42 -26.08
CA VAL A 65 -23.28 -16.65 -25.17
C VAL A 65 -24.61 -16.71 -25.92
N ASP A 66 -24.88 -15.65 -26.71
CA ASP A 66 -26.09 -15.52 -27.53
C ASP A 66 -26.18 -16.59 -28.61
N GLY A 67 -25.06 -17.24 -28.86
CA GLY A 67 -24.99 -18.29 -29.85
C GLY A 67 -24.31 -17.93 -31.17
N GLN A 68 -23.60 -16.82 -31.21
CA GLN A 68 -22.94 -16.41 -32.43
C GLN A 68 -21.56 -17.00 -32.56
N ASP A 69 -21.30 -17.51 -33.75
CA ASP A 69 -20.02 -18.08 -34.05
C ASP A 69 -19.00 -17.00 -34.40
N ARG A 70 -17.95 -16.95 -33.59
CA ARG A 70 -16.84 -16.03 -33.79
C ARG A 70 -15.57 -16.83 -34.09
N GLN A 71 -14.56 -16.16 -34.62
CA GLN A 71 -13.36 -16.91 -34.95
C GLN A 71 -12.17 -16.28 -34.32
N VAL A 72 -11.23 -17.13 -33.90
CA VAL A 72 -10.02 -16.68 -33.26
C VAL A 72 -8.79 -17.33 -33.80
N LYS A 73 -7.72 -16.58 -33.66
CA LYS A 73 -6.45 -17.03 -34.04
C LYS A 73 -5.96 -17.73 -32.79
N LYS A 74 -5.45 -18.93 -33.03
CA LYS A 74 -4.92 -19.80 -32.01
C LYS A 74 -3.89 -19.06 -31.22
N ASP A 75 -3.06 -18.34 -31.95
CA ASP A 75 -2.04 -17.64 -31.23
C ASP A 75 -2.57 -16.39 -30.54
N ASP A 76 -3.88 -16.24 -30.64
CA ASP A 76 -4.50 -15.08 -30.01
C ASP A 76 -5.55 -15.47 -29.04
N ALA A 77 -5.82 -16.76 -28.94
CA ALA A 77 -6.85 -17.28 -28.07
C ALA A 77 -6.39 -17.33 -26.66
N ASN A 78 -7.37 -17.11 -25.83
CA ASN A 78 -7.23 -17.12 -24.41
C ASN A 78 -7.96 -18.36 -24.00
N GLN A 79 -7.21 -19.44 -23.98
CA GLN A 79 -7.85 -20.69 -23.63
C GLN A 79 -8.20 -20.77 -22.17
N ARG A 80 -9.30 -21.40 -21.91
CA ARG A 80 -9.70 -21.46 -20.55
C ARG A 80 -9.11 -22.69 -19.94
N ASN A 81 -8.64 -22.60 -18.71
CA ASN A 81 -8.09 -23.83 -18.14
C ASN A 81 -9.19 -24.81 -17.80
N PRO A 82 -8.83 -26.07 -17.86
CA PRO A 82 -9.77 -27.14 -17.50
C PRO A 82 -10.28 -26.87 -16.08
N ILE A 83 -11.56 -27.19 -15.84
CA ILE A 83 -12.28 -27.02 -14.56
C ILE A 83 -11.54 -27.45 -13.27
N LYS A 84 -10.70 -28.49 -13.34
CA LYS A 84 -9.95 -28.90 -12.16
C LYS A 84 -9.14 -27.71 -11.62
N PHE A 85 -8.76 -26.80 -12.55
CA PHE A 85 -7.95 -25.64 -12.15
C PHE A 85 -8.73 -24.55 -11.53
N ASP A 86 -10.06 -24.59 -11.60
CA ASP A 86 -10.84 -23.53 -11.01
C ASP A 86 -10.73 -23.56 -9.48
N GLY A 87 -10.03 -22.57 -8.92
CA GLY A 87 -9.87 -22.45 -7.48
C GLY A 87 -8.47 -22.76 -6.94
N VAL A 88 -7.51 -23.18 -7.79
CA VAL A 88 -6.15 -23.47 -7.25
C VAL A 88 -5.61 -22.34 -6.36
N GLU A 89 -4.79 -22.73 -5.39
CA GLU A 89 -4.19 -21.86 -4.41
C GLU A 89 -3.04 -21.01 -4.91
N ASP A 90 -2.49 -21.40 -6.05
CA ASP A 90 -1.39 -20.61 -6.63
C ASP A 90 -1.64 -20.42 -8.11
N MET A 91 -1.56 -19.18 -8.59
CA MET A 91 -1.87 -19.02 -9.99
C MET A 91 -0.77 -19.68 -10.81
N SER A 92 0.37 -19.92 -10.17
CA SER A 92 1.49 -20.58 -10.84
C SER A 92 1.18 -22.01 -11.25
N GLU A 93 0.07 -22.50 -10.70
CA GLU A 93 -0.44 -23.85 -10.95
C GLU A 93 -1.27 -23.90 -12.26
N LEU A 94 -1.64 -22.75 -12.82
CA LEU A 94 -2.43 -22.72 -14.03
C LEU A 94 -1.59 -23.04 -15.25
N SER A 95 -2.22 -23.78 -16.18
CA SER A 95 -1.61 -24.20 -17.41
C SER A 95 -1.68 -23.10 -18.42
N TYR A 96 -2.87 -22.56 -18.61
CA TYR A 96 -3.08 -21.42 -19.49
C TYR A 96 -3.03 -20.19 -18.57
N LEU A 97 -2.04 -19.32 -18.76
CA LEU A 97 -1.82 -18.19 -17.89
C LEU A 97 -2.11 -16.83 -18.49
N ASN A 98 -3.26 -16.71 -19.08
CA ASN A 98 -3.60 -15.48 -19.70
C ASN A 98 -4.37 -14.60 -18.73
N GLU A 99 -4.60 -13.33 -19.09
CA GLU A 99 -5.33 -12.41 -18.23
C GLU A 99 -6.67 -12.89 -17.76
N PRO A 100 -7.61 -13.19 -18.66
CA PRO A 100 -8.95 -13.62 -18.25
C PRO A 100 -8.89 -14.89 -17.35
N ALA A 101 -7.93 -15.78 -17.68
CA ALA A 101 -7.76 -16.99 -16.92
C ALA A 101 -7.30 -16.63 -15.54
N VAL A 102 -6.36 -15.71 -15.43
CA VAL A 102 -5.95 -15.31 -14.15
C VAL A 102 -7.09 -14.73 -13.33
N PHE A 103 -7.82 -13.80 -13.93
CA PHE A 103 -8.93 -13.14 -13.24
C PHE A 103 -9.99 -14.15 -12.80
N HIS A 104 -10.19 -15.12 -13.69
CA HIS A 104 -11.23 -16.16 -13.42
C HIS A 104 -10.91 -17.00 -12.18
N ASN A 105 -9.62 -17.32 -11.97
CA ASN A 105 -9.24 -18.12 -10.80
C ASN A 105 -9.47 -17.31 -9.54
N LEU A 106 -9.05 -16.06 -9.64
CA LEU A 106 -9.26 -15.18 -8.53
C LEU A 106 -10.72 -15.05 -8.12
N ARG A 107 -11.54 -14.94 -9.15
CA ARG A 107 -12.99 -14.75 -9.03
C ARG A 107 -13.69 -15.99 -8.41
N VAL A 108 -13.31 -17.17 -8.95
CA VAL A 108 -13.87 -18.41 -8.43
C VAL A 108 -13.58 -18.47 -6.94
N ARG A 109 -12.33 -18.11 -6.61
CA ARG A 109 -11.95 -18.10 -5.21
C ARG A 109 -12.75 -17.05 -4.50
N TYR A 110 -12.81 -15.83 -5.04
CA TYR A 110 -13.52 -14.79 -4.35
C TYR A 110 -14.99 -15.16 -4.12
N ASN A 111 -15.54 -15.89 -5.03
CA ASN A 111 -16.97 -16.25 -4.93
C ASN A 111 -17.23 -17.16 -3.75
N GLN A 112 -16.14 -17.72 -3.22
CA GLN A 112 -16.24 -18.61 -2.07
C GLN A 112 -15.61 -17.92 -0.88
N ASP A 113 -15.51 -16.62 -0.95
CA ASP A 113 -14.90 -15.90 0.19
C ASP A 113 -13.45 -16.29 0.46
N LEU A 114 -12.80 -16.79 -0.60
CA LEU A 114 -11.36 -17.14 -0.52
C LEU A 114 -10.57 -15.93 -1.02
N ILE A 115 -10.36 -14.93 -0.14
CA ILE A 115 -9.73 -13.67 -0.49
C ILE A 115 -8.20 -13.72 -0.73
N TYR A 116 -7.59 -14.81 -0.37
CA TYR A 116 -6.15 -14.93 -0.53
C TYR A 116 -5.79 -16.00 -1.54
N THR A 117 -4.88 -15.62 -2.42
CA THR A 117 -4.38 -16.50 -3.46
C THR A 117 -2.94 -16.12 -3.79
N TYR A 118 -2.08 -17.11 -3.97
CA TYR A 118 -0.70 -16.83 -4.34
C TYR A 118 -0.63 -16.69 -5.86
N SER A 119 0.40 -15.97 -6.30
CA SER A 119 0.71 -15.87 -7.69
C SER A 119 2.21 -15.92 -7.73
N GLY A 120 2.72 -17.11 -7.77
CA GLY A 120 4.16 -17.23 -7.74
C GLY A 120 4.65 -16.64 -6.43
N LEU A 121 5.54 -15.65 -6.52
CA LEU A 121 6.07 -15.06 -5.34
C LEU A 121 5.09 -14.22 -4.62
N PHE A 122 4.03 -13.80 -5.28
CA PHE A 122 3.14 -12.94 -4.47
C PHE A 122 1.98 -13.63 -3.75
N LEU A 123 1.57 -12.93 -2.69
CA LEU A 123 0.38 -13.27 -2.02
C LEU A 123 -0.58 -12.17 -2.51
N VAL A 124 -1.66 -12.55 -3.12
CA VAL A 124 -2.63 -11.59 -3.61
C VAL A 124 -3.79 -11.66 -2.65
N ALA A 125 -4.23 -10.49 -2.19
CA ALA A 125 -5.31 -10.46 -1.25
C ALA A 125 -6.40 -9.51 -1.75
N VAL A 126 -7.64 -10.00 -1.95
CA VAL A 126 -8.73 -9.14 -2.38
C VAL A 126 -9.63 -8.73 -1.21
N ASN A 127 -9.84 -7.45 -1.03
CA ASN A 127 -10.72 -7.02 0.07
C ASN A 127 -12.12 -7.59 -0.08
N PRO A 128 -12.57 -8.23 0.94
CA PRO A 128 -13.91 -8.82 0.96
C PRO A 128 -14.94 -7.81 1.39
N PHE A 129 -14.51 -6.72 2.01
CA PHE A 129 -15.51 -5.75 2.44
C PHE A 129 -16.55 -6.32 3.40
N LYS A 130 -16.16 -7.29 4.21
CA LYS A 130 -16.99 -7.89 5.25
C LYS A 130 -16.02 -8.59 6.14
N ARG A 131 -16.36 -8.85 7.40
CA ARG A 131 -15.40 -9.51 8.28
C ARG A 131 -15.47 -11.07 8.27
N ILE A 132 -14.49 -11.73 7.62
CA ILE A 132 -14.40 -13.20 7.56
C ILE A 132 -13.69 -13.64 8.85
N PRO A 133 -14.22 -14.61 9.57
CA PRO A 133 -13.63 -14.98 10.87
C PRO A 133 -12.42 -15.88 10.77
N ILE A 134 -11.39 -15.44 10.09
CA ILE A 134 -10.21 -16.25 9.94
C ILE A 134 -8.98 -15.65 10.66
N TYR A 135 -9.16 -14.80 11.65
CA TYR A 135 -7.98 -14.21 12.28
C TYR A 135 -8.07 -14.40 13.81
N THR A 136 -8.78 -15.44 14.20
CA THR A 136 -8.90 -15.73 15.62
C THR A 136 -7.60 -16.40 16.06
N GLN A 137 -7.46 -16.50 17.38
CA GLN A 137 -6.29 -17.12 17.95
C GLN A 137 -6.20 -18.54 17.50
N GLU A 138 -7.38 -19.15 17.35
CA GLU A 138 -7.46 -20.52 16.88
C GLU A 138 -6.95 -20.58 15.44
N MET A 139 -7.17 -19.52 14.65
CA MET A 139 -6.66 -19.49 13.28
C MET A 139 -5.16 -19.21 13.33
N VAL A 140 -4.77 -18.36 14.28
CA VAL A 140 -3.34 -18.09 14.47
C VAL A 140 -2.55 -19.39 14.66
N ASP A 141 -3.03 -20.23 15.57
CA ASP A 141 -2.42 -21.51 15.96
C ASP A 141 -2.27 -22.57 14.86
N ILE A 142 -3.21 -22.63 13.96
CA ILE A 142 -3.10 -23.59 12.85
C ILE A 142 -1.91 -23.23 11.91
N PHE A 143 -1.61 -21.95 11.82
CA PHE A 143 -0.53 -21.52 10.94
C PHE A 143 0.84 -21.78 11.53
N LYS A 144 0.98 -21.90 12.86
CA LYS A 144 2.32 -22.12 13.40
C LYS A 144 3.21 -23.15 12.68
N GLY A 145 4.35 -22.66 12.26
CA GLY A 145 5.34 -23.47 11.59
C GLY A 145 4.97 -24.24 10.36
N ARG A 146 3.80 -24.00 9.77
CA ARG A 146 3.45 -24.76 8.56
C ARG A 146 4.06 -24.18 7.31
N ARG A 147 4.56 -25.03 6.44
CA ARG A 147 5.08 -24.48 5.21
C ARG A 147 3.92 -23.99 4.29
N ARG A 148 4.30 -23.13 3.35
CA ARG A 148 3.42 -22.48 2.36
C ARG A 148 2.52 -23.44 1.68
N ASN A 149 3.14 -24.52 1.22
CA ASN A 149 2.50 -25.63 0.53
C ASN A 149 1.66 -26.44 1.51
N GLU A 150 1.84 -26.18 2.80
CA GLU A 150 1.15 -26.94 3.82
C GLU A 150 -0.23 -26.46 4.17
N VAL A 151 -0.42 -25.18 4.09
CA VAL A 151 -1.71 -24.64 4.44
C VAL A 151 -2.24 -23.72 3.32
N ALA A 152 -3.49 -23.37 3.47
CA ALA A 152 -4.16 -22.53 2.50
C ALA A 152 -3.43 -21.20 2.47
N PRO A 153 -3.71 -20.41 1.46
CA PRO A 153 -3.12 -19.09 1.38
C PRO A 153 -3.70 -18.18 2.51
N HIS A 154 -2.89 -17.28 3.08
CA HIS A 154 -3.37 -16.42 4.18
C HIS A 154 -2.25 -15.47 4.57
N ILE A 155 -2.56 -14.30 5.09
CA ILE A 155 -1.50 -13.39 5.52
C ILE A 155 -0.70 -13.99 6.68
N PHE A 156 -1.32 -14.82 7.46
CA PHE A 156 -0.66 -15.51 8.60
C PHE A 156 0.38 -16.47 8.09
N ALA A 157 0.06 -17.09 6.93
CA ALA A 157 0.97 -18.00 6.33
C ALA A 157 2.25 -17.30 5.91
N ILE A 158 2.14 -16.26 5.16
CA ILE A 158 3.32 -15.53 4.73
C ILE A 158 4.13 -15.01 5.94
N SER A 159 3.43 -14.54 6.96
CA SER A 159 4.08 -14.06 8.15
C SER A 159 4.82 -15.21 8.79
N ASP A 160 4.21 -16.38 8.89
CA ASP A 160 4.92 -17.52 9.46
C ASP A 160 6.17 -17.81 8.66
N VAL A 161 6.05 -17.93 7.35
CA VAL A 161 7.20 -18.19 6.48
C VAL A 161 8.29 -17.15 6.70
N ALA A 162 7.91 -15.92 6.98
CA ALA A 162 8.94 -14.98 7.23
C ALA A 162 9.64 -15.20 8.55
N TYR A 163 8.91 -15.48 9.60
CA TYR A 163 9.47 -15.70 10.95
C TYR A 163 10.43 -16.90 11.00
N ARG A 164 10.05 -17.97 10.28
CA ARG A 164 10.82 -19.20 10.20
C ARG A 164 12.08 -18.93 9.44
N SER A 165 11.96 -18.10 8.44
CA SER A 165 13.11 -17.76 7.65
C SER A 165 14.07 -16.96 8.44
N MET A 166 13.55 -16.14 9.26
CA MET A 166 14.41 -15.31 10.02
C MET A 166 15.25 -16.18 10.90
N LEU A 167 14.53 -17.02 11.62
CA LEU A 167 15.16 -17.97 12.58
C LEU A 167 16.13 -18.94 11.95
N ASP A 168 15.72 -19.54 10.83
CA ASP A 168 16.50 -20.49 10.10
C ASP A 168 17.66 -19.92 9.30
N ASP A 169 17.52 -18.79 8.63
CA ASP A 169 18.63 -18.26 7.85
C ASP A 169 19.38 -17.18 8.64
N ARG A 170 18.85 -16.85 9.79
CA ARG A 170 19.41 -15.79 10.59
C ARG A 170 19.57 -14.60 9.68
N GLN A 171 18.47 -14.26 9.04
CA GLN A 171 18.44 -13.13 8.09
C GLN A 171 17.22 -12.27 8.33
N ASN A 172 17.36 -10.94 8.32
CA ASN A 172 16.24 -10.02 8.49
C ASN A 172 15.21 -10.20 7.35
N GLN A 173 13.95 -9.83 7.63
CA GLN A 173 13.00 -10.07 6.58
C GLN A 173 12.18 -8.83 6.38
N SER A 174 11.42 -8.80 5.30
CA SER A 174 10.49 -7.71 5.05
C SER A 174 9.21 -8.21 4.36
N LEU A 175 8.05 -7.55 4.72
CA LEU A 175 6.77 -7.82 4.10
C LEU A 175 6.37 -6.51 3.46
N LEU A 176 6.22 -6.51 2.14
CA LEU A 176 5.85 -5.25 1.51
C LEU A 176 4.39 -5.35 1.16
N ILE A 177 3.55 -4.51 1.83
CA ILE A 177 2.10 -4.59 1.60
C ILE A 177 1.62 -3.29 0.91
N THR A 178 1.31 -3.41 -0.41
CA THR A 178 0.90 -2.26 -1.17
C THR A 178 -0.34 -2.54 -2.00
N GLY A 179 -0.89 -1.45 -2.61
CA GLY A 179 -2.15 -1.49 -3.44
C GLY A 179 -2.89 -0.22 -3.12
N GLU A 180 -4.05 -0.05 -3.78
CA GLU A 180 -4.87 1.17 -3.63
C GLU A 180 -5.48 1.38 -2.30
N SER A 181 -5.97 2.64 -2.12
CA SER A 181 -6.63 3.06 -0.88
C SER A 181 -7.88 2.19 -0.74
N GLY A 182 -8.15 1.63 0.44
CA GLY A 182 -9.33 0.76 0.52
C GLY A 182 -9.00 -0.68 0.20
N ALA A 183 -7.83 -0.96 -0.35
CA ALA A 183 -7.46 -2.34 -0.66
C ALA A 183 -7.33 -3.27 0.56
N GLY A 184 -7.06 -2.77 1.78
CA GLY A 184 -6.88 -3.64 2.97
C GLY A 184 -5.44 -3.77 3.41
N LYS A 185 -4.57 -2.86 2.98
CA LYS A 185 -3.14 -2.95 3.35
C LYS A 185 -2.94 -2.93 4.85
N THR A 186 -3.61 -1.94 5.45
CA THR A 186 -3.56 -1.70 6.89
C THR A 186 -4.17 -2.88 7.61
N GLU A 187 -5.31 -3.30 7.09
CA GLU A 187 -5.96 -4.41 7.68
C GLU A 187 -4.99 -5.58 7.74
N ASN A 188 -4.39 -5.90 6.61
CA ASN A 188 -3.42 -6.95 6.60
C ASN A 188 -2.18 -6.67 7.46
N THR A 189 -1.72 -5.46 7.53
CA THR A 189 -0.52 -5.13 8.33
C THR A 189 -0.85 -5.43 9.80
N LYS A 190 -2.03 -5.02 10.27
CA LYS A 190 -2.40 -5.33 11.63
C LYS A 190 -2.36 -6.87 11.88
N LYS A 191 -2.82 -7.67 10.94
CA LYS A 191 -2.83 -9.15 11.06
C LYS A 191 -1.38 -9.68 11.13
N VAL A 192 -0.45 -9.07 10.41
CA VAL A 192 0.96 -9.48 10.47
C VAL A 192 1.50 -9.23 11.91
N ILE A 193 1.22 -8.06 12.47
CA ILE A 193 1.69 -7.78 13.80
C ILE A 193 1.06 -8.68 14.83
N GLN A 194 -0.22 -8.90 14.65
CA GLN A 194 -0.96 -9.73 15.56
C GLN A 194 -0.33 -11.09 15.63
N TYR A 195 -0.11 -11.64 14.46
CA TYR A 195 0.49 -12.95 14.33
C TYR A 195 1.84 -13.05 15.02
N LEU A 196 2.74 -12.14 14.68
CA LEU A 196 4.07 -12.20 15.28
C LEU A 196 4.01 -12.03 16.77
N ALA A 197 3.22 -11.08 17.23
CA ALA A 197 3.19 -10.90 18.65
C ALA A 197 2.79 -12.20 19.31
N SER A 198 2.03 -12.99 18.62
CA SER A 198 1.62 -14.23 19.21
C SER A 198 2.60 -15.38 18.96
N VAL A 199 3.21 -15.51 17.79
CA VAL A 199 4.07 -16.68 17.73
C VAL A 199 5.40 -16.46 18.40
N ALA A 200 5.72 -15.17 18.70
CA ALA A 200 6.99 -14.74 19.28
C ALA A 200 6.91 -13.83 20.53
N GLY A 201 5.74 -13.60 21.07
CA GLY A 201 5.66 -12.70 22.22
C GLY A 201 6.03 -13.37 23.52
N ARG A 202 6.36 -12.60 24.56
CA ARG A 202 6.72 -13.20 25.83
C ARG A 202 5.52 -13.33 26.79
N ASN A 203 4.81 -14.46 26.67
CA ASN A 203 3.61 -14.80 27.42
C ASN A 203 3.69 -14.32 28.87
N GLY A 209 2.46 -9.61 27.52
CA GLY A 209 3.53 -8.82 28.13
C GLY A 209 3.31 -7.34 27.87
N VAL A 210 3.98 -6.52 28.64
CA VAL A 210 3.85 -5.10 28.52
C VAL A 210 4.27 -4.62 27.14
N LEU A 211 5.51 -4.99 26.75
CA LEU A 211 6.11 -4.64 25.47
C LEU A 211 5.14 -4.78 24.34
N GLU A 212 4.74 -6.04 24.16
CA GLU A 212 3.82 -6.42 23.11
C GLU A 212 2.54 -5.58 23.07
N GLN A 213 2.04 -5.34 24.25
CA GLN A 213 0.84 -4.60 24.34
C GLN A 213 1.12 -3.22 23.85
N GLN A 214 2.28 -2.73 24.20
CA GLN A 214 2.66 -1.40 23.75
C GLN A 214 2.90 -1.40 22.26
N ILE A 215 3.41 -2.47 21.75
CA ILE A 215 3.63 -2.49 20.32
C ILE A 215 2.30 -2.48 19.64
N LEU A 216 1.35 -3.26 20.15
CA LEU A 216 0.05 -3.21 19.51
C LEU A 216 -0.67 -1.87 19.77
N GLN A 217 -0.47 -1.33 20.95
CA GLN A 217 -1.29 -0.14 21.16
C GLN A 217 -0.70 1.06 20.41
N ALA A 218 0.45 0.86 19.79
CA ALA A 218 1.10 1.96 19.09
C ALA A 218 0.36 2.34 17.82
N ASN A 219 -0.04 1.40 16.99
CA ASN A 219 -0.64 1.87 15.76
C ASN A 219 -2.00 2.57 16.10
N PRO A 220 -2.92 2.18 17.05
CA PRO A 220 -4.14 2.98 17.27
C PRO A 220 -3.89 4.43 17.57
N ILE A 221 -2.71 4.74 18.08
CA ILE A 221 -2.38 6.13 18.40
C ILE A 221 -2.10 6.88 17.10
N LEU A 222 -1.34 6.21 16.28
CA LEU A 222 -0.98 6.70 14.98
C LEU A 222 -2.21 6.79 14.06
N GLU A 223 -3.12 5.89 14.19
CA GLU A 223 -4.29 5.90 13.32
C GLU A 223 -5.17 7.11 13.62
N ALA A 224 -5.31 7.41 14.90
CA ALA A 224 -6.09 8.55 15.32
C ALA A 224 -5.50 9.82 14.73
N PHE A 225 -4.19 9.91 14.75
CA PHE A 225 -3.61 11.10 14.20
C PHE A 225 -3.30 11.09 12.72
N GLY A 226 -3.17 9.89 12.13
CA GLY A 226 -2.84 9.82 10.70
C GLY A 226 -3.87 9.25 9.77
N ASN A 227 -5.05 8.94 10.27
CA ASN A 227 -6.01 8.35 9.38
C ASN A 227 -7.23 9.24 9.36
N ALA A 228 -7.99 9.13 8.27
CA ALA A 228 -9.19 9.92 8.03
C ALA A 228 -10.15 9.25 7.04
N LYS A 229 -11.40 9.66 7.13
CA LYS A 229 -12.35 9.14 6.23
C LYS A 229 -12.19 9.87 4.90
N THR A 230 -12.04 9.14 3.81
CA THR A 230 -11.97 9.72 2.50
C THR A 230 -13.13 9.16 1.65
N THR A 231 -13.19 9.50 0.39
CA THR A 231 -14.26 8.93 -0.41
C THR A 231 -13.93 7.46 -0.75
N ARG A 232 -12.68 7.08 -0.55
CA ARG A 232 -12.31 5.71 -0.84
C ARG A 232 -12.16 4.78 0.38
N ASN A 233 -12.05 5.32 1.59
CA ASN A 233 -11.94 4.47 2.74
C ASN A 233 -12.28 5.26 3.95
N ASN A 234 -13.16 4.75 4.76
CA ASN A 234 -13.59 5.40 5.98
C ASN A 234 -12.43 5.43 6.95
N ASN A 235 -11.41 4.66 6.67
CA ASN A 235 -10.33 4.70 7.62
C ASN A 235 -9.01 4.75 6.85
N SER A 236 -8.93 5.67 5.88
CA SER A 236 -7.75 5.84 5.04
C SER A 236 -6.46 6.25 5.78
N SER A 237 -5.34 5.56 5.44
CA SER A 237 -4.07 5.91 6.04
C SER A 237 -3.56 7.07 5.23
N ARG A 238 -3.39 8.25 5.84
CA ARG A 238 -2.91 9.43 5.12
C ARG A 238 -1.39 9.58 5.28
N PHE A 239 -0.74 8.47 5.52
CA PHE A 239 0.72 8.46 5.68
C PHE A 239 1.16 7.06 5.39
N GLY A 240 2.39 6.95 4.96
CA GLY A 240 2.97 5.63 4.72
C GLY A 240 3.81 5.19 5.90
N LYS A 241 3.98 3.89 6.06
CA LYS A 241 4.80 3.47 7.18
C LYS A 241 5.55 2.17 6.92
N PHE A 242 6.69 2.10 7.65
CA PHE A 242 7.58 0.95 7.71
C PHE A 242 7.72 0.52 9.18
N ILE A 243 7.16 -0.66 9.51
CA ILE A 243 7.22 -1.13 10.91
C ILE A 243 8.35 -2.15 11.15
N GLU A 244 9.29 -1.81 11.98
CA GLU A 244 10.31 -2.80 12.19
C GLU A 244 9.94 -3.64 13.40
N ILE A 245 9.67 -4.92 13.23
CA ILE A 245 9.39 -5.69 14.43
C ILE A 245 10.72 -6.36 14.83
N GLN A 246 11.25 -6.00 16.04
CA GLN A 246 12.58 -6.46 16.57
C GLN A 246 12.54 -7.72 17.42
N PHE A 247 13.45 -8.67 17.14
CA PHE A 247 13.47 -9.95 17.88
C PHE A 247 14.83 -10.24 18.48
N ASN A 248 14.92 -10.96 19.60
CA ASN A 248 16.30 -11.26 20.03
C ASN A 248 16.83 -12.51 19.31
N ASN A 249 18.04 -12.99 19.62
CA ASN A 249 18.49 -14.16 18.85
C ASN A 249 17.70 -15.41 19.11
N ALA A 250 16.98 -15.37 20.20
CA ALA A 250 16.17 -16.50 20.52
C ALA A 250 14.84 -16.51 19.80
N GLY A 251 14.48 -15.39 19.20
CA GLY A 251 13.24 -15.41 18.44
C GLY A 251 12.07 -14.76 19.15
N PHE A 252 12.35 -14.08 20.23
CA PHE A 252 11.30 -13.40 20.94
C PHE A 252 11.36 -11.95 20.53
N ILE A 253 10.17 -11.35 20.49
CA ILE A 253 10.06 -9.96 20.13
C ILE A 253 10.83 -9.17 21.15
N SER A 254 11.72 -8.31 20.70
CA SER A 254 12.49 -7.54 21.61
C SER A 254 12.24 -6.08 21.53
N GLY A 255 11.55 -5.63 20.51
CA GLY A 255 11.31 -4.18 20.47
C GLY A 255 10.63 -3.82 19.18
N ALA A 256 10.64 -2.57 18.82
CA ALA A 256 10.06 -2.19 17.57
C ALA A 256 10.37 -0.74 17.25
N SER A 257 10.29 -0.45 15.96
CA SER A 257 10.49 0.90 15.45
C SER A 257 9.54 1.21 14.27
N ILE A 258 9.15 2.52 14.17
CA ILE A 258 8.29 3.04 13.10
C ILE A 258 8.83 4.23 12.45
N GLN A 259 8.75 4.19 11.15
CA GLN A 259 9.10 5.26 10.29
C GLN A 259 7.81 5.58 9.48
N SER A 260 7.40 6.85 9.47
CA SER A 260 6.24 7.40 8.79
C SER A 260 6.69 8.21 7.58
N TYR A 261 5.85 8.25 6.55
CA TYR A 261 6.20 9.01 5.37
C TYR A 261 5.00 9.74 4.80
N LEU A 262 5.28 10.80 4.09
CA LEU A 262 4.26 11.56 3.37
C LEU A 262 2.95 11.83 4.13
N LEU A 263 3.05 12.39 5.31
CA LEU A 263 1.82 12.68 6.03
C LEU A 263 1.08 13.80 5.27
N GLU A 264 -0.22 13.66 5.05
CA GLU A 264 -1.02 14.66 4.33
C GLU A 264 -1.38 15.81 5.23
N LYS A 265 -0.42 16.73 5.44
CA LYS A 265 -0.70 17.85 6.33
C LYS A 265 -1.81 18.73 5.84
N SER A 266 -1.93 18.74 4.51
CA SER A 266 -2.93 19.54 3.88
C SER A 266 -4.37 19.25 4.30
N ARG A 267 -4.63 18.01 4.72
CA ARG A 267 -6.00 17.68 5.13
C ARG A 267 -6.40 18.39 6.40
N VAL A 268 -5.39 18.85 7.12
CA VAL A 268 -5.77 19.52 8.34
C VAL A 268 -6.61 20.77 8.11
N VAL A 269 -6.29 21.52 7.05
CA VAL A 269 -6.92 22.78 6.70
C VAL A 269 -8.01 22.68 5.61
N PHE A 270 -8.21 21.50 5.04
CA PHE A 270 -9.19 21.35 3.97
C PHE A 270 -9.50 19.91 3.64
N GLN A 271 -10.79 19.61 3.50
CA GLN A 271 -11.11 18.26 3.08
C GLN A 271 -12.22 18.38 2.05
N SER A 272 -12.26 17.50 1.08
CA SER A 272 -13.32 17.53 0.08
C SER A 272 -14.63 17.13 0.72
N GLU A 273 -15.69 17.38 -0.05
CA GLU A 273 -17.08 17.10 0.32
C GLU A 273 -17.24 15.64 0.74
N THR A 274 -17.87 15.36 1.81
CA THR A 274 -18.15 14.06 2.39
C THR A 274 -17.00 13.45 3.20
N GLU A 275 -15.80 14.03 3.03
CA GLU A 275 -14.61 13.56 3.72
C GLU A 275 -14.56 14.10 5.08
N ARG A 276 -13.59 13.60 5.88
CA ARG A 276 -13.42 14.08 7.22
C ARG A 276 -12.00 14.53 7.41
N ASN A 277 -11.76 15.30 8.47
CA ASN A 277 -10.41 15.69 8.81
C ASN A 277 -9.85 14.45 9.54
N TYR A 278 -8.62 14.48 10.08
CA TYR A 278 -8.11 13.34 10.87
C TYR A 278 -9.05 12.94 12.03
N HIS A 279 -9.19 11.64 12.29
CA HIS A 279 -10.05 11.16 13.40
C HIS A 279 -9.98 11.92 14.74
N ILE A 280 -8.79 12.15 15.31
CA ILE A 280 -8.64 12.83 16.62
C ILE A 280 -9.45 14.08 16.81
N PHE A 281 -9.57 14.93 15.78
CA PHE A 281 -10.31 16.13 16.00
C PHE A 281 -11.67 15.73 16.57
N TYR A 282 -12.34 14.83 15.86
CA TYR A 282 -13.65 14.30 16.18
C TYR A 282 -13.70 13.55 17.48
N GLN A 283 -12.60 12.91 17.75
CA GLN A 283 -12.49 12.17 18.96
C GLN A 283 -12.47 13.07 20.17
N LEU A 284 -11.68 14.08 20.06
CA LEU A 284 -11.53 14.95 21.18
C LEU A 284 -12.81 15.65 21.48
N LEU A 285 -13.41 16.13 20.41
CA LEU A 285 -14.60 16.90 20.52
C LEU A 285 -15.76 16.17 21.13
N ALA A 286 -15.86 14.87 20.82
CA ALA A 286 -16.92 13.98 21.27
C ALA A 286 -16.67 13.40 22.64
N GLY A 287 -15.42 12.94 22.78
CA GLY A 287 -14.85 12.31 23.94
C GLY A 287 -14.45 13.19 25.13
N ALA A 288 -13.98 14.43 24.91
CA ALA A 288 -13.57 15.30 26.04
C ALA A 288 -14.63 15.40 27.15
N THR A 289 -14.21 15.70 28.39
CA THR A 289 -15.10 15.83 29.54
C THR A 289 -15.60 17.24 29.56
N ALA A 290 -16.89 17.41 29.87
CA ALA A 290 -17.51 18.71 29.89
C ALA A 290 -16.58 19.79 30.39
N GLU A 291 -15.72 19.35 31.32
CA GLU A 291 -14.75 20.20 31.97
C GLU A 291 -13.58 20.55 31.07
N GLU A 292 -13.06 19.57 30.32
CA GLU A 292 -11.93 19.73 29.38
C GLU A 292 -12.26 20.64 28.21
N LYS A 293 -13.56 20.69 27.90
CA LYS A 293 -14.07 21.49 26.84
C LYS A 293 -13.86 22.93 27.21
N LYS A 294 -14.40 23.26 28.40
CA LYS A 294 -14.31 24.58 28.98
C LYS A 294 -12.86 24.99 29.02
N ALA A 295 -11.99 24.08 29.41
CA ALA A 295 -10.61 24.47 29.45
C ALA A 295 -9.99 24.53 28.07
N LEU A 296 -10.71 24.06 27.05
CA LEU A 296 -10.12 24.11 25.72
C LEU A 296 -10.90 24.93 24.77
N HIS A 297 -11.93 25.53 25.34
CA HIS A 297 -12.70 26.37 24.48
C HIS A 297 -13.32 25.58 23.38
N LEU A 298 -13.66 24.34 23.71
CA LEU A 298 -14.26 23.45 22.76
C LEU A 298 -15.78 23.59 22.59
N ALA A 299 -16.17 23.39 21.35
CA ALA A 299 -17.53 23.42 20.88
C ALA A 299 -17.76 22.25 19.93
N GLY A 300 -18.82 22.36 19.15
CA GLY A 300 -19.15 21.32 18.19
C GLY A 300 -18.29 21.45 16.95
N PRO A 301 -18.25 20.37 16.17
CA PRO A 301 -17.45 20.44 14.97
C PRO A 301 -17.95 21.53 14.08
N GLU A 302 -19.25 21.73 14.11
CA GLU A 302 -19.85 22.74 13.27
C GLU A 302 -19.23 24.10 13.60
N SER A 303 -18.80 24.22 14.85
CA SER A 303 -18.19 25.46 15.33
C SER A 303 -16.78 25.65 14.85
N PHE A 304 -16.31 24.79 13.96
CA PHE A 304 -14.90 24.95 13.56
C PHE A 304 -14.74 24.88 12.07
N ASN A 305 -14.13 25.91 11.51
CA ASN A 305 -13.91 25.91 10.08
C ASN A 305 -13.12 24.73 9.62
N TYR A 306 -12.18 24.24 10.43
CA TYR A 306 -11.41 23.13 9.94
C TYR A 306 -12.19 21.85 9.93
N LEU A 307 -13.41 21.88 10.47
CA LEU A 307 -14.24 20.68 10.50
C LEU A 307 -15.62 20.86 9.95
N ASN A 308 -15.97 22.08 9.61
CA ASN A 308 -17.33 22.29 9.17
C ASN A 308 -17.44 22.52 7.68
N GLN A 309 -16.44 22.21 6.91
CA GLN A 309 -16.64 22.49 5.52
C GLN A 309 -17.12 21.35 4.63
N SER A 310 -16.57 20.14 4.81
CA SER A 310 -16.90 19.00 3.96
C SER A 310 -18.31 18.49 4.07
N GLY A 311 -18.98 18.82 5.14
CA GLY A 311 -20.31 18.29 5.25
C GLY A 311 -20.33 16.82 5.64
N CYS A 312 -19.41 16.42 6.49
CA CYS A 312 -19.32 15.07 7.01
C CYS A 312 -18.58 15.20 8.30
N VAL A 313 -19.25 15.01 9.41
CA VAL A 313 -18.52 15.12 10.65
C VAL A 313 -18.57 13.78 11.35
N ASP A 314 -19.23 12.81 10.69
CA ASP A 314 -19.34 11.50 11.27
C ASP A 314 -19.27 10.33 10.31
N ILE A 315 -18.72 9.23 10.84
CA ILE A 315 -18.54 8.00 10.04
C ILE A 315 -19.52 6.97 10.51
N LYS A 316 -20.24 6.43 9.56
CA LYS A 316 -21.24 5.47 9.90
C LYS A 316 -20.71 4.29 10.69
N GLY A 317 -21.43 4.00 11.75
CA GLY A 317 -21.02 2.92 12.59
C GLY A 317 -19.76 3.19 13.38
N VAL A 318 -19.40 4.46 13.55
CA VAL A 318 -18.22 4.85 14.32
C VAL A 318 -18.56 5.84 15.42
N SER A 319 -18.13 5.52 16.64
CA SER A 319 -18.35 6.37 17.80
C SER A 319 -17.08 7.11 18.11
N ASP A 320 -17.11 8.37 17.73
CA ASP A 320 -15.93 9.13 17.98
C ASP A 320 -15.53 9.12 19.45
N SER A 321 -16.54 9.22 20.31
CA SER A 321 -16.36 9.23 21.77
C SER A 321 -15.78 7.92 22.25
N GLU A 322 -16.28 6.86 21.69
CA GLU A 322 -15.71 5.62 22.15
C GLU A 322 -14.28 5.44 21.67
N GLU A 323 -13.98 5.95 20.47
CA GLU A 323 -12.63 5.85 19.93
C GLU A 323 -11.62 6.67 20.74
N PHE A 324 -12.09 7.85 21.20
CA PHE A 324 -11.29 8.73 22.03
C PHE A 324 -10.74 7.91 23.20
N LYS A 325 -11.64 7.13 23.76
CA LYS A 325 -11.37 6.31 24.92
C LYS A 325 -10.28 5.32 24.61
N ILE A 326 -10.38 4.77 23.43
CA ILE A 326 -9.43 3.82 22.94
C ILE A 326 -8.09 4.46 22.67
N THR A 327 -8.10 5.69 22.14
CA THR A 327 -6.88 6.39 21.83
C THR A 327 -6.15 6.77 23.10
N ARG A 328 -6.91 7.26 24.05
CA ARG A 328 -6.34 7.65 25.32
C ARG A 328 -5.77 6.41 26.03
N GLN A 329 -6.49 5.31 25.93
CA GLN A 329 -6.01 4.11 26.57
C GLN A 329 -4.68 3.74 25.99
N ALA A 330 -4.62 3.77 24.69
CA ALA A 330 -3.36 3.45 24.01
C ALA A 330 -2.22 4.31 24.46
N MET A 331 -2.50 5.61 24.60
CA MET A 331 -1.47 6.53 25.03
C MET A 331 -0.99 6.18 26.42
N ASP A 332 -1.97 5.80 27.25
CA ASP A 332 -1.72 5.42 28.62
C ASP A 332 -0.73 4.25 28.66
N ILE A 333 -1.08 3.23 27.87
CA ILE A 333 -0.29 2.03 27.75
C ILE A 333 1.11 2.27 27.21
N VAL A 334 1.23 3.02 26.12
CA VAL A 334 2.55 3.27 25.59
C VAL A 334 3.40 3.98 26.62
N GLY A 335 2.74 4.88 27.35
CA GLY A 335 3.51 5.58 28.34
C GLY A 335 3.45 7.09 28.24
N PHE A 336 2.40 7.67 27.62
CA PHE A 336 2.33 9.13 27.56
C PHE A 336 1.81 9.66 28.89
N SER A 337 2.50 10.65 29.44
CA SER A 337 2.13 11.24 30.68
C SER A 337 0.86 12.02 30.49
N GLN A 338 0.07 12.12 31.54
CA GLN A 338 -1.18 12.84 31.50
C GLN A 338 -0.87 14.29 31.11
N GLU A 339 0.29 14.73 31.50
CA GLU A 339 0.62 16.08 31.22
C GLU A 339 0.76 16.16 29.71
N GLU A 340 1.55 15.22 29.19
CA GLU A 340 1.85 15.09 27.77
C GLU A 340 0.56 14.98 27.01
N GLN A 341 -0.37 14.23 27.56
CA GLN A 341 -1.62 14.07 26.88
C GLN A 341 -2.42 15.36 26.85
N MET A 342 -2.30 16.16 27.87
CA MET A 342 -3.08 17.38 27.87
C MET A 342 -2.60 18.25 26.72
N SER A 343 -1.27 18.43 26.72
CA SER A 343 -0.57 19.21 25.72
C SER A 343 -0.85 18.72 24.28
N ILE A 344 -0.96 17.41 24.10
CA ILE A 344 -1.26 16.88 22.78
C ILE A 344 -2.64 17.39 22.40
N PHE A 345 -3.60 17.25 23.30
CA PHE A 345 -4.95 17.72 23.08
C PHE A 345 -5.00 19.23 22.96
N LYS A 346 -4.08 19.89 23.67
CA LYS A 346 -4.05 21.33 23.59
C LYS A 346 -3.72 21.72 22.16
N ILE A 347 -2.63 21.11 21.63
CA ILE A 347 -2.21 21.32 20.23
C ILE A 347 -3.36 21.10 19.21
N ILE A 348 -4.11 20.01 19.39
CA ILE A 348 -5.24 19.75 18.52
C ILE A 348 -6.28 20.90 18.64
N ALA A 349 -6.50 21.34 19.89
CA ALA A 349 -7.45 22.39 20.18
C ALA A 349 -7.00 23.69 19.54
N GLY A 350 -5.77 24.06 19.85
CA GLY A 350 -5.18 25.31 19.32
C GLY A 350 -5.33 25.41 17.80
N ILE A 351 -5.04 24.27 17.12
CA ILE A 351 -5.11 24.18 15.66
C ILE A 351 -6.54 24.58 15.24
N LEU A 352 -7.48 23.91 15.88
CA LEU A 352 -8.88 24.18 15.63
C LEU A 352 -9.14 25.69 15.78
N HIS A 353 -8.57 26.33 16.83
CA HIS A 353 -8.68 27.78 17.12
C HIS A 353 -8.01 28.55 16.00
N LEU A 354 -6.74 28.21 15.66
CA LEU A 354 -6.08 28.84 14.52
C LEU A 354 -6.98 28.83 13.26
N GLY A 355 -7.67 27.72 13.01
CA GLY A 355 -8.53 27.66 11.82
C GLY A 355 -9.75 28.63 11.85
N ASN A 356 -10.13 29.03 13.04
CA ASN A 356 -11.26 29.88 13.29
C ASN A 356 -10.96 31.34 13.31
N ILE A 357 -9.68 31.71 13.10
CA ILE A 357 -9.24 33.10 13.01
C ILE A 357 -9.73 33.71 11.70
N LYS A 358 -10.44 34.84 11.78
CA LYS A 358 -10.93 35.49 10.57
C LYS A 358 -10.13 36.76 10.29
N PHE A 359 -9.57 36.87 9.10
CA PHE A 359 -8.83 38.03 8.73
C PHE A 359 -9.72 38.96 7.93
N GLU A 360 -9.54 40.27 8.16
CA GLU A 360 -10.29 41.26 7.41
C GLU A 360 -9.33 42.28 6.80
N LYS A 361 -9.81 42.97 5.73
CA LYS A 361 -9.06 44.05 5.05
C LYS A 361 -9.68 45.38 5.32
N GLY A 362 -9.84 46.11 4.17
CA GLY A 362 -10.39 47.41 4.05
C GLY A 362 -9.40 48.50 4.39
N ALA A 363 -9.16 48.66 5.72
CA ALA A 363 -8.25 49.64 6.31
C ALA A 363 -7.23 50.17 5.31
N GLY A 364 -6.80 49.23 4.48
CA GLY A 364 -5.87 49.47 3.40
C GLY A 364 -5.91 48.24 2.52
N GLU A 365 -4.72 47.68 2.30
CA GLU A 365 -4.56 46.48 1.49
C GLU A 365 -4.13 45.37 2.44
N GLY A 366 -3.77 45.80 3.68
CA GLY A 366 -3.28 44.99 4.80
C GLY A 366 -4.36 44.36 5.66
N ALA A 367 -4.00 43.29 6.34
CA ALA A 367 -4.93 42.55 7.19
C ALA A 367 -4.95 42.93 8.66
N VAL A 368 -6.11 42.70 9.26
CA VAL A 368 -6.23 43.00 10.68
C VAL A 368 -7.12 42.04 11.43
N LEU A 369 -7.06 42.13 12.72
CA LEU A 369 -7.87 41.25 13.54
C LEU A 369 -8.85 42.03 14.41
N LYS A 370 -10.04 42.31 13.88
CA LYS A 370 -11.04 43.03 14.67
C LYS A 370 -11.50 42.21 15.89
N ASP A 371 -11.89 40.98 15.68
CA ASP A 371 -12.22 40.18 16.83
C ASP A 371 -10.99 39.29 17.00
N LYS A 372 -10.58 39.11 18.24
CA LYS A 372 -9.43 38.31 18.56
C LYS A 372 -9.82 37.11 19.44
N THR A 373 -11.09 36.76 19.55
CA THR A 373 -11.43 35.64 20.42
C THR A 373 -10.61 34.42 20.07
N ALA A 374 -10.70 34.06 18.77
CA ALA A 374 -10.03 32.90 18.19
C ALA A 374 -8.56 32.95 18.50
N LEU A 375 -7.95 34.04 18.05
CA LEU A 375 -6.54 34.20 18.32
C LEU A 375 -6.18 33.95 19.80
N ASN A 376 -6.99 34.49 20.69
CA ASN A 376 -6.69 34.35 22.08
C ASN A 376 -6.82 32.94 22.56
N ALA A 377 -7.80 32.24 21.98
CA ALA A 377 -8.10 30.84 22.25
C ALA A 377 -6.90 29.97 21.93
N ALA A 378 -6.44 30.09 20.68
CA ALA A 378 -5.26 29.37 20.25
C ALA A 378 -4.07 29.71 21.12
N SER A 379 -3.80 31.02 21.37
CA SER A 379 -2.66 31.41 22.21
C SER A 379 -2.67 30.74 23.60
N THR A 380 -3.82 30.78 24.27
CA THR A 380 -3.85 30.17 25.59
C THR A 380 -3.49 28.70 25.60
N VAL A 381 -4.16 27.92 24.76
CA VAL A 381 -3.91 26.49 24.67
C VAL A 381 -2.46 26.16 24.34
N PHE A 382 -1.84 26.93 23.39
CA PHE A 382 -0.44 26.75 22.96
C PHE A 382 0.54 27.29 23.99
N GLY A 383 0.11 28.37 24.64
CA GLY A 383 0.92 29.00 25.65
C GLY A 383 1.96 29.93 25.04
N VAL A 384 1.54 30.73 24.07
CA VAL A 384 2.41 31.68 23.39
C VAL A 384 1.78 33.03 23.51
N ASN A 385 2.49 34.03 23.07
CA ASN A 385 1.95 35.38 23.13
C ASN A 385 1.05 35.77 21.97
N PRO A 386 -0.22 36.02 22.27
CA PRO A 386 -1.14 36.37 21.24
C PRO A 386 -0.75 37.60 20.53
N SER A 387 0.02 38.46 21.20
CA SER A 387 0.39 39.68 20.49
C SER A 387 1.52 39.37 19.55
N VAL A 388 2.35 38.50 20.07
CA VAL A 388 3.47 38.05 19.31
C VAL A 388 2.92 37.21 18.13
N LEU A 389 1.89 36.44 18.40
CA LEU A 389 1.27 35.58 17.41
C LEU A 389 0.65 36.40 16.27
N GLU A 390 -0.15 37.37 16.68
CA GLU A 390 -0.85 38.24 15.78
C GLU A 390 0.13 38.89 14.81
N LYS A 391 1.22 39.39 15.39
CA LYS A 391 2.27 40.07 14.65
C LYS A 391 2.94 39.15 13.66
N ALA A 392 3.31 37.98 14.17
CA ALA A 392 3.93 36.98 13.33
C ALA A 392 3.01 36.53 12.20
N LEU A 393 1.68 36.58 12.41
CA LEU A 393 0.66 36.19 11.41
C LEU A 393 0.56 37.19 10.30
N MET A 394 0.30 38.45 10.64
CA MET A 394 0.11 39.49 9.63
C MET A 394 1.21 40.50 9.38
N GLU A 395 2.22 40.52 10.23
CA GLU A 395 3.28 41.47 10.01
C GLU A 395 4.63 40.84 10.24
N PRO A 396 4.91 39.75 9.54
CA PRO A 396 6.18 39.09 9.75
C PRO A 396 7.30 39.97 9.27
N ARG A 397 8.46 39.86 9.92
CA ARG A 397 9.60 40.64 9.41
C ARG A 397 10.30 39.88 8.29
N ILE A 398 10.46 40.51 7.14
CA ILE A 398 11.10 39.83 6.03
C ILE A 398 12.42 40.47 5.59
N LEU A 399 13.42 39.62 5.44
CA LEU A 399 14.72 40.04 4.97
C LEU A 399 14.78 40.46 3.49
N ALA A 400 14.79 41.78 3.36
CA ALA A 400 14.88 42.49 2.10
C ALA A 400 16.32 42.86 1.84
N GLY A 401 17.14 41.83 1.91
CA GLY A 401 18.53 42.04 1.65
C GLY A 401 19.33 42.22 2.91
N ARG A 402 19.53 43.46 3.26
CA ARG A 402 20.32 43.66 4.47
C ARG A 402 19.41 43.98 5.62
N ASP A 403 18.26 44.50 5.18
CA ASP A 403 17.14 45.00 5.95
C ASP A 403 16.24 43.92 6.48
N LEU A 404 15.91 44.06 7.72
CA LEU A 404 14.99 43.14 8.24
C LEU A 404 13.76 43.97 8.58
N VAL A 405 12.81 43.95 7.67
CA VAL A 405 11.60 44.72 7.80
C VAL A 405 10.32 43.93 7.91
N ALA A 406 9.46 44.39 8.74
CA ALA A 406 8.20 43.71 8.88
C ALA A 406 7.26 44.01 7.72
N GLN A 407 6.50 43.00 7.30
CA GLN A 407 5.58 43.26 6.22
C GLN A 407 4.17 43.11 6.69
N HIS A 408 3.33 43.92 6.12
CA HIS A 408 1.95 43.87 6.47
C HIS A 408 1.23 42.97 5.45
N LEU A 409 0.92 41.72 5.80
CA LEU A 409 0.28 40.85 4.83
C LEU A 409 -1.21 41.08 4.69
N ASN A 410 -1.66 40.91 3.47
CA ASN A 410 -3.08 41.03 3.18
C ASN A 410 -3.78 39.88 3.83
N VAL A 411 -5.08 39.77 3.63
CA VAL A 411 -5.84 38.70 4.24
C VAL A 411 -5.45 37.30 3.69
N GLU A 412 -5.31 37.23 2.36
CA GLU A 412 -5.00 36.00 1.69
C GLU A 412 -3.75 35.44 2.27
N LYS A 413 -2.70 36.18 1.93
CA LYS A 413 -1.35 35.91 2.37
C LYS A 413 -1.38 35.65 3.86
N SER A 414 -2.19 36.47 4.51
CA SER A 414 -2.28 36.30 5.92
C SER A 414 -2.80 34.94 6.26
N SER A 415 -3.90 34.60 5.61
CA SER A 415 -4.57 33.33 5.82
C SER A 415 -3.75 32.10 5.56
N SER A 416 -3.05 32.12 4.43
CA SER A 416 -2.16 31.05 4.00
C SER A 416 -1.03 30.79 5.01
N SER A 417 -0.55 31.87 5.59
CA SER A 417 0.50 31.76 6.57
C SER A 417 0.02 31.00 7.81
N ARG A 418 -1.20 31.34 8.13
CA ARG A 418 -1.89 30.73 9.24
C ARG A 418 -1.98 29.25 8.97
N ASP A 419 -2.31 28.93 7.72
CA ASP A 419 -2.46 27.55 7.28
C ASP A 419 -1.14 26.79 7.35
N ALA A 420 -0.07 27.49 6.99
CA ALA A 420 1.24 26.88 7.04
C ALA A 420 1.65 26.62 8.52
N LEU A 421 1.22 27.49 9.47
CA LEU A 421 1.54 27.29 10.90
C LEU A 421 0.81 26.03 11.41
N VAL A 422 -0.46 25.91 11.02
CA VAL A 422 -1.25 24.76 11.36
C VAL A 422 -0.59 23.49 10.77
N LYS A 423 -0.31 23.47 9.48
CA LYS A 423 0.32 22.31 8.94
C LYS A 423 1.63 21.93 9.64
N ALA A 424 2.46 22.89 10.00
CA ALA A 424 3.72 22.55 10.66
C ALA A 424 3.55 22.00 12.07
N LEU A 425 2.52 22.54 12.74
CA LEU A 425 2.23 22.08 14.08
C LEU A 425 1.75 20.65 13.95
N TYR A 426 0.82 20.37 13.05
CA TYR A 426 0.35 19.01 12.84
C TYR A 426 1.43 18.02 12.43
N GLY A 427 2.24 18.36 11.45
CA GLY A 427 3.27 17.47 11.01
C GLY A 427 4.33 17.27 12.07
N ARG A 428 4.62 18.31 12.83
CA ARG A 428 5.63 18.13 13.87
C ARG A 428 5.09 17.26 15.01
N LEU A 429 3.85 17.45 15.37
CA LEU A 429 3.28 16.65 16.43
C LEU A 429 3.35 15.20 16.05
N PHE A 430 3.05 14.96 14.78
CA PHE A 430 3.03 13.62 14.30
C PHE A 430 4.39 13.02 14.39
N LEU A 431 5.33 13.81 13.97
CA LEU A 431 6.72 13.37 14.02
C LEU A 431 7.13 13.08 15.49
N TRP A 432 6.74 13.97 16.41
CA TRP A 432 7.04 13.79 17.82
C TRP A 432 6.28 12.56 18.32
N LEU A 433 5.05 12.39 17.94
CA LEU A 433 4.42 11.21 18.51
C LEU A 433 5.17 9.99 18.08
N VAL A 434 5.65 9.97 16.81
CA VAL A 434 6.35 8.77 16.32
C VAL A 434 7.62 8.52 17.10
N LYS A 435 8.28 9.62 17.43
CA LYS A 435 9.53 9.59 18.15
C LYS A 435 9.31 9.15 19.59
N LYS A 436 8.24 9.62 20.19
CA LYS A 436 7.90 9.25 21.56
C LYS A 436 7.73 7.77 21.62
N ILE A 437 6.86 7.28 20.75
CA ILE A 437 6.61 5.86 20.68
C ILE A 437 7.89 5.04 20.41
N ASN A 438 8.77 5.48 19.48
CA ASN A 438 9.98 4.70 19.19
C ASN A 438 10.84 4.54 20.41
N ASN A 439 10.86 5.58 21.20
CA ASN A 439 11.62 5.72 22.45
C ASN A 439 11.24 4.64 23.41
N VAL A 440 9.97 4.37 23.43
CA VAL A 440 9.47 3.37 24.29
C VAL A 440 9.78 1.99 23.77
N LEU A 441 9.33 1.72 22.57
CA LEU A 441 9.46 0.41 21.95
C LEU A 441 10.83 -0.07 21.43
N CYS A 442 11.53 0.89 20.89
CA CYS A 442 12.73 0.69 20.18
C CYS A 442 13.94 0.31 20.95
N GLN A 443 14.63 -0.69 20.40
CA GLN A 443 15.84 -1.19 20.98
C GLN A 443 17.05 -0.99 20.09
N GLU A 444 18.17 -0.59 20.74
CA GLU A 444 19.49 -0.34 20.13
C GLU A 444 20.21 -1.67 20.10
N ARG A 445 19.63 -2.56 20.86
CA ARG A 445 20.15 -3.88 20.99
C ARG A 445 19.28 -4.87 20.27
N LYS A 446 19.17 -4.77 18.95
CA LYS A 446 18.34 -5.79 18.30
C LYS A 446 19.17 -6.79 17.51
N ALA A 447 18.74 -8.04 17.56
CA ALA A 447 19.43 -9.08 16.84
C ALA A 447 18.92 -9.24 15.44
N TYR A 448 17.58 -9.35 15.30
CA TYR A 448 16.97 -9.51 13.98
C TYR A 448 15.72 -8.66 13.87
N PHE A 449 15.14 -8.55 12.67
CA PHE A 449 13.87 -7.80 12.56
C PHE A 449 13.15 -8.28 11.35
N ILE A 450 11.84 -8.04 11.40
CA ILE A 450 10.94 -8.33 10.30
C ILE A 450 10.29 -6.97 10.06
N GLY A 451 10.55 -6.33 8.94
CA GLY A 451 9.93 -5.00 8.76
C GLY A 451 8.69 -5.10 7.85
N VAL A 452 7.67 -4.31 8.18
CA VAL A 452 6.41 -4.25 7.47
C VAL A 452 6.15 -2.89 6.81
N LEU A 453 5.98 -2.90 5.51
CA LEU A 453 5.80 -1.61 4.86
C LEU A 453 4.36 -1.57 4.45
N ASP A 454 3.63 -0.60 4.96
CA ASP A 454 2.25 -0.46 4.55
C ASP A 454 2.18 0.93 3.91
N ILE A 455 2.15 0.97 2.58
CA ILE A 455 2.19 2.19 1.83
C ILE A 455 1.37 1.97 0.58
N SER A 456 0.88 2.99 -0.06
CA SER A 456 0.11 2.75 -1.27
C SER A 456 0.94 2.30 -2.44
N GLY A 457 0.33 1.62 -3.43
CA GLY A 457 1.06 1.25 -4.65
C GLY A 457 1.01 2.52 -5.54
N PHE A 458 1.14 2.40 -6.86
CA PHE A 458 1.08 3.56 -7.76
C PHE A 458 -0.22 4.31 -7.59
N GLU A 459 -0.14 5.64 -7.70
CA GLU A 459 -1.29 6.56 -7.60
C GLU A 459 -1.55 7.28 -8.93
N ILE A 460 -2.72 7.04 -9.52
CA ILE A 460 -3.08 7.66 -10.77
C ILE A 460 -4.48 8.19 -10.67
N PHE A 461 -4.58 9.45 -10.17
CA PHE A 461 -5.80 10.18 -9.93
C PHE A 461 -6.14 11.09 -11.09
N LYS A 462 -7.31 11.74 -10.99
CA LYS A 462 -7.83 12.70 -11.97
C LYS A 462 -6.79 13.78 -12.04
N VAL A 463 -6.43 14.24 -10.83
CA VAL A 463 -5.38 15.25 -10.65
C VAL A 463 -4.19 14.63 -9.95
N ASN A 464 -2.98 14.76 -10.54
CA ASN A 464 -1.75 14.23 -9.94
C ASN A 464 -0.83 15.40 -9.62
N SER A 465 -0.35 15.43 -8.39
CA SER A 465 0.50 16.50 -7.87
C SER A 465 1.86 15.99 -7.35
N PHE A 466 2.54 16.80 -6.58
CA PHE A 466 3.87 16.47 -6.09
C PHE A 466 3.88 15.20 -5.26
N GLU A 467 2.89 15.05 -4.37
CA GLU A 467 2.86 13.88 -3.54
C GLU A 467 2.67 12.62 -4.35
N GLN A 468 1.96 12.70 -5.48
CA GLN A 468 1.77 11.51 -6.31
C GLN A 468 3.06 11.15 -7.00
N LEU A 469 3.81 12.21 -7.43
CA LEU A 469 5.08 11.90 -8.09
C LEU A 469 5.98 11.16 -7.05
N CYS A 470 5.97 11.61 -5.82
CA CYS A 470 6.77 10.97 -4.80
C CYS A 470 6.46 9.46 -4.63
N ILE A 471 5.18 9.22 -4.36
CA ILE A 471 4.70 7.85 -4.15
C ILE A 471 4.96 6.98 -5.34
N ASN A 472 4.85 7.59 -6.53
CA ASN A 472 5.05 6.83 -7.74
C ASN A 472 6.54 6.51 -7.97
N TYR A 473 7.36 7.44 -7.49
CA TYR A 473 8.84 7.34 -7.53
C TYR A 473 9.24 6.15 -6.66
N THR A 474 8.62 6.11 -5.48
CA THR A 474 8.86 4.99 -4.52
C THR A 474 8.49 3.65 -5.19
N ASN A 475 7.28 3.64 -5.72
CA ASN A 475 6.80 2.47 -6.39
C ASN A 475 7.66 2.02 -7.56
N GLU A 476 8.33 2.96 -8.29
CA GLU A 476 9.20 2.51 -9.38
C GLU A 476 10.35 1.78 -8.71
N LYS A 477 10.82 2.31 -7.59
CA LYS A 477 11.90 1.59 -6.91
C LYS A 477 11.46 0.22 -6.40
N LEU A 478 10.29 0.12 -5.79
CA LEU A 478 9.82 -1.15 -5.26
C LEU A 478 9.55 -2.15 -6.34
N GLN A 479 9.04 -1.70 -7.45
CA GLN A 479 8.79 -2.66 -8.52
C GLN A 479 10.12 -3.11 -9.10
N GLN A 480 11.08 -2.22 -9.22
CA GLN A 480 12.36 -2.64 -9.79
C GLN A 480 13.06 -3.68 -8.81
N PHE A 481 12.86 -3.47 -7.49
CA PHE A 481 13.34 -4.34 -6.43
C PHE A 481 12.67 -5.71 -6.59
N PHE A 482 11.34 -5.76 -6.78
CA PHE A 482 10.71 -7.08 -6.99
C PHE A 482 11.26 -7.76 -8.27
N ASN A 483 11.42 -6.98 -9.32
CA ASN A 483 11.93 -7.49 -10.58
C ASN A 483 13.28 -8.21 -10.40
N HIS A 484 14.19 -7.54 -9.69
CA HIS A 484 15.48 -8.07 -9.40
C HIS A 484 15.35 -9.32 -8.61
N HIS A 485 14.54 -9.20 -7.57
CA HIS A 485 14.25 -10.34 -6.73
C HIS A 485 13.63 -11.55 -7.48
N MET A 486 12.65 -11.33 -8.35
CA MET A 486 12.03 -12.44 -9.06
C MET A 486 13.11 -13.16 -9.83
N PHE A 487 13.90 -12.35 -10.49
CA PHE A 487 15.04 -12.80 -11.30
C PHE A 487 15.96 -13.81 -10.58
N LYS A 488 16.48 -13.40 -9.41
CA LYS A 488 17.38 -14.27 -8.62
C LYS A 488 16.72 -15.57 -8.20
N LEU A 489 15.58 -15.43 -7.52
CA LEU A 489 14.82 -16.54 -7.03
C LEU A 489 14.46 -17.47 -8.16
N GLU A 490 14.11 -16.89 -9.31
CA GLU A 490 13.77 -17.73 -10.46
C GLU A 490 14.98 -18.50 -10.98
N GLN A 491 16.13 -17.82 -10.99
CA GLN A 491 17.35 -18.44 -11.46
C GLN A 491 17.76 -19.60 -10.53
N GLU A 492 17.59 -19.34 -9.24
CA GLU A 492 17.90 -20.26 -8.17
C GLU A 492 17.11 -21.55 -8.35
N GLU A 493 15.79 -21.43 -8.50
CA GLU A 493 14.96 -22.62 -8.66
C GLU A 493 15.52 -23.49 -9.76
N TYR A 494 15.68 -22.87 -10.91
CA TYR A 494 16.21 -23.54 -12.06
C TYR A 494 17.51 -24.24 -11.74
N LEU A 495 18.40 -23.57 -11.00
CA LEU A 495 19.67 -24.19 -10.63
C LEU A 495 19.53 -25.39 -9.73
N LYS A 496 18.68 -25.25 -8.71
CA LYS A 496 18.43 -26.34 -7.78
C LYS A 496 17.85 -27.57 -8.45
N GLU A 497 17.08 -27.41 -9.53
CA GLU A 497 16.50 -28.57 -10.20
C GLU A 497 17.26 -29.11 -11.42
N LYS A 498 18.33 -28.38 -11.84
CA LYS A 498 19.14 -28.71 -12.98
C LYS A 498 18.38 -28.46 -14.30
N ILE A 499 18.19 -27.16 -14.60
CA ILE A 499 17.45 -26.68 -15.77
C ILE A 499 17.98 -25.31 -16.18
N ASN A 500 17.83 -24.99 -17.50
CA ASN A 500 18.17 -23.73 -18.23
C ASN A 500 18.27 -22.43 -17.40
N LEU A 508 12.39 -4.57 -18.86
CA LEU A 508 12.84 -3.95 -17.62
C LEU A 508 12.41 -2.49 -17.49
N ASP A 509 13.31 -1.59 -17.94
CA ASP A 509 13.07 -0.14 -18.04
C ASP A 509 12.92 0.67 -16.80
N SER A 510 13.13 0.05 -15.64
CA SER A 510 12.86 0.88 -14.47
C SER A 510 13.83 2.02 -14.35
N GLN A 511 15.05 1.72 -14.80
CA GLN A 511 16.09 2.71 -14.66
C GLN A 511 15.81 4.10 -15.23
N ALA A 512 15.38 4.09 -16.47
CA ALA A 512 15.11 5.31 -17.20
C ALA A 512 14.06 6.18 -16.52
N THR A 513 12.99 5.56 -16.06
CA THR A 513 12.00 6.39 -15.39
C THR A 513 12.59 6.90 -14.12
N ILE A 514 13.28 5.95 -13.43
CA ILE A 514 13.87 6.32 -12.17
C ILE A 514 14.82 7.50 -12.35
N ASP A 515 15.68 7.42 -13.37
CA ASP A 515 16.65 8.52 -13.60
C ASP A 515 15.98 9.84 -13.96
N LEU A 516 14.95 9.78 -14.80
CA LEU A 516 14.28 11.04 -15.15
C LEU A 516 13.79 11.75 -13.88
N ILE A 517 13.34 10.94 -12.93
CA ILE A 517 12.85 11.57 -11.72
C ILE A 517 13.96 12.03 -10.80
N ASP A 518 14.86 11.11 -10.40
CA ASP A 518 15.88 11.49 -9.41
C ASP A 518 17.31 11.74 -9.93
N GLY A 519 17.49 11.81 -11.22
CA GLY A 519 18.80 12.00 -11.81
C GLY A 519 19.49 13.30 -11.41
N ARG A 520 20.82 13.24 -11.33
CA ARG A 520 21.59 14.42 -10.99
C ARG A 520 22.32 15.06 -12.20
N GLN A 521 22.83 14.27 -13.11
CA GLN A 521 23.50 14.78 -14.26
C GLN A 521 23.39 13.77 -15.33
N PRO A 522 22.59 14.05 -16.35
CA PRO A 522 21.78 15.25 -16.50
C PRO A 522 20.76 15.37 -15.37
N PRO A 523 20.26 16.51 -15.12
CA PRO A 523 19.34 16.60 -14.00
C PRO A 523 17.97 16.06 -14.31
N GLY A 524 17.33 15.43 -13.34
CA GLY A 524 16.02 14.91 -13.60
C GLY A 524 15.05 15.88 -13.01
N ILE A 525 13.79 15.47 -12.85
CA ILE A 525 12.76 16.37 -12.34
C ILE A 525 13.07 16.95 -11.02
N LEU A 526 13.31 16.09 -10.05
CA LEU A 526 13.53 16.65 -8.74
C LEU A 526 14.71 17.61 -8.67
N ALA A 527 15.74 17.28 -9.44
CA ALA A 527 16.92 18.16 -9.43
C ALA A 527 16.56 19.55 -9.93
N LEU A 528 15.82 19.57 -11.03
CA LEU A 528 15.40 20.88 -11.57
C LEU A 528 14.51 21.66 -10.62
N LEU A 529 13.61 20.93 -9.93
CA LEU A 529 12.70 21.50 -8.96
C LEU A 529 13.51 22.13 -7.84
N ASP A 530 14.48 21.35 -7.36
CA ASP A 530 15.29 21.91 -6.29
C ASP A 530 15.98 23.18 -6.74
N GLU A 531 16.50 23.15 -7.95
CA GLU A 531 17.20 24.34 -8.44
C GLU A 531 16.34 25.60 -8.48
N GLN A 532 15.11 25.43 -8.96
CA GLN A 532 14.19 26.58 -9.01
C GLN A 532 13.82 27.00 -7.61
N SER A 533 13.88 26.02 -6.73
CA SER A 533 13.50 26.24 -5.37
C SER A 533 14.35 27.26 -4.68
N VAL A 534 15.49 27.51 -5.27
CA VAL A 534 16.39 28.48 -4.64
C VAL A 534 16.00 29.94 -4.83
N PHE A 535 15.31 30.19 -5.92
CA PHE A 535 14.85 31.51 -6.34
C PHE A 535 13.46 31.86 -5.87
N PRO A 536 13.44 32.91 -5.01
CA PRO A 536 12.25 33.47 -4.38
C PRO A 536 11.15 33.86 -5.35
N ASN A 537 11.55 34.39 -6.50
CA ASN A 537 10.63 34.82 -7.51
C ASN A 537 10.26 33.79 -8.52
N ALA A 538 10.78 32.55 -8.44
CA ALA A 538 10.34 31.57 -9.44
C ALA A 538 8.83 31.25 -9.26
N THR A 539 8.16 30.78 -10.32
CA THR A 539 6.74 30.46 -10.34
C THR A 539 6.51 29.09 -10.98
N ASP A 540 5.28 28.55 -10.95
CA ASP A 540 4.93 27.28 -11.60
C ASP A 540 5.37 27.29 -13.08
N ASN A 541 5.15 28.46 -13.72
CA ASN A 541 5.47 28.63 -15.11
C ASN A 541 7.00 28.49 -15.42
N THR A 542 7.82 29.10 -14.57
CA THR A 542 9.27 29.00 -14.71
C THR A 542 9.60 27.52 -14.69
N LEU A 543 9.08 26.88 -13.66
CA LEU A 543 9.28 25.46 -13.43
C LEU A 543 8.88 24.56 -14.60
N ILE A 544 7.59 24.53 -14.93
CA ILE A 544 7.17 23.68 -16.05
C ILE A 544 7.95 23.98 -17.33
N THR A 545 8.24 25.23 -17.58
CA THR A 545 9.02 25.60 -18.77
C THR A 545 10.42 24.98 -18.69
N LYS A 546 11.09 25.05 -17.51
CA LYS A 546 12.40 24.38 -17.39
C LYS A 546 12.30 22.86 -17.67
N LEU A 547 11.23 22.22 -17.14
CA LEU A 547 11.03 20.78 -17.34
C LEU A 547 10.92 20.41 -18.79
N HIS A 548 9.99 21.08 -19.48
CA HIS A 548 9.79 20.82 -20.87
C HIS A 548 11.13 21.05 -21.65
N SER A 549 11.83 22.14 -21.28
CA SER A 549 13.09 22.54 -21.94
C SER A 549 14.08 21.41 -21.92
N HIS A 550 14.17 20.74 -20.76
CA HIS A 550 15.11 19.64 -20.69
C HIS A 550 14.60 18.36 -21.21
N PHE A 551 13.28 18.07 -21.09
CA PHE A 551 12.82 16.74 -21.49
C PHE A 551 11.83 16.60 -22.64
N SER A 552 11.11 17.67 -23.01
CA SER A 552 10.11 17.52 -24.09
C SER A 552 10.75 17.07 -25.40
N LYS A 553 10.34 15.94 -25.96
CA LYS A 553 10.99 15.41 -27.17
C LYS A 553 12.44 15.02 -26.95
N LYS A 554 12.88 15.06 -25.72
CA LYS A 554 14.27 14.76 -25.51
C LYS A 554 14.48 13.60 -24.57
N ASN A 555 13.49 13.33 -23.72
CA ASN A 555 13.55 12.21 -22.82
C ASN A 555 12.37 11.32 -23.15
N ALA A 556 12.64 10.09 -23.53
CA ALA A 556 11.61 9.18 -23.93
C ALA A 556 10.50 8.85 -22.94
N LYS A 557 10.73 9.03 -21.66
CA LYS A 557 9.70 8.70 -20.71
C LYS A 557 8.93 9.96 -20.33
N TYR A 558 9.21 11.07 -20.99
CA TYR A 558 8.54 12.33 -20.65
C TYR A 558 7.63 12.80 -21.76
N GLU A 559 6.55 13.47 -21.38
CA GLU A 559 5.66 13.99 -22.41
C GLU A 559 5.14 15.38 -22.09
N GLU A 560 5.35 16.34 -23.02
CA GLU A 560 4.80 17.71 -22.89
C GLU A 560 3.38 17.66 -23.50
N PRO A 561 2.35 18.08 -22.72
CA PRO A 561 0.99 18.01 -23.20
C PRO A 561 0.76 18.85 -24.46
N ARG A 562 -0.20 18.43 -25.26
CA ARG A 562 -0.49 19.10 -26.50
C ARG A 562 -0.97 20.48 -26.22
N PHE A 563 -1.82 20.62 -25.20
CA PHE A 563 -2.34 21.95 -24.86
C PHE A 563 -2.13 22.40 -23.44
N SER A 564 -2.25 21.52 -22.42
CA SER A 564 -2.08 22.03 -21.06
C SER A 564 -0.75 22.74 -20.90
N LYS A 565 -0.71 23.82 -20.12
CA LYS A 565 0.55 24.55 -19.91
C LYS A 565 1.02 24.25 -18.51
N THR A 566 0.23 23.51 -17.74
CA THR A 566 0.68 23.36 -16.39
C THR A 566 0.96 21.91 -15.99
N GLU A 567 0.92 21.07 -16.97
CA GLU A 567 1.11 19.65 -16.67
C GLU A 567 2.20 19.03 -17.48
N PHE A 568 2.62 17.84 -17.07
CA PHE A 568 3.61 17.05 -17.83
C PHE A 568 3.40 15.61 -17.44
N GLY A 569 3.75 14.74 -18.37
CA GLY A 569 3.54 13.35 -18.13
C GLY A 569 4.81 12.55 -18.04
N VAL A 570 4.69 11.54 -17.24
CA VAL A 570 5.72 10.57 -17.00
C VAL A 570 5.30 9.15 -17.31
N THR A 571 6.09 8.48 -18.14
CA THR A 571 5.73 7.06 -18.39
C THR A 571 6.23 6.18 -17.28
N HIS A 572 5.33 5.76 -16.46
CA HIS A 572 5.68 4.91 -15.34
C HIS A 572 5.50 3.46 -15.68
N TYR A 573 5.98 2.63 -14.78
CA TYR A 573 5.86 1.19 -14.91
C TYR A 573 4.39 0.89 -15.13
N ALA A 574 3.52 1.51 -14.31
CA ALA A 574 2.07 1.31 -14.37
C ALA A 574 1.34 2.03 -15.50
N GLY A 575 2.07 2.77 -16.33
CA GLY A 575 1.48 3.54 -17.44
C GLY A 575 1.78 5.00 -17.28
N GLN A 576 1.33 5.85 -18.25
CA GLN A 576 1.61 7.28 -18.15
C GLN A 576 0.80 7.91 -17.05
N VAL A 577 1.44 8.87 -16.43
CA VAL A 577 0.82 9.63 -15.41
C VAL A 577 0.99 11.08 -15.73
N MET A 578 -0.10 11.79 -15.76
CA MET A 578 -0.02 13.20 -15.98
C MET A 578 -0.07 13.96 -14.64
N TYR A 579 0.95 14.85 -14.46
CA TYR A 579 1.13 15.67 -13.23
C TYR A 579 0.93 17.10 -13.57
N GLU A 580 0.46 17.84 -12.57
CA GLU A 580 0.16 19.25 -12.57
C GLU A 580 1.19 19.88 -11.70
N ILE A 581 1.71 21.03 -12.13
CA ILE A 581 2.80 21.63 -11.43
C ILE A 581 2.44 22.66 -10.36
N GLN A 582 1.18 23.03 -10.28
CA GLN A 582 0.78 24.06 -9.36
C GLN A 582 1.31 23.89 -7.93
N ASP A 583 1.92 24.94 -7.37
CA ASP A 583 2.39 24.91 -5.99
C ASP A 583 3.61 24.03 -5.68
N TRP A 584 4.18 23.41 -6.72
CA TRP A 584 5.37 22.58 -6.48
C TRP A 584 6.48 23.30 -5.77
N LEU A 585 6.73 24.55 -6.18
CA LEU A 585 7.76 25.35 -5.55
C LEU A 585 7.54 25.46 -4.04
N GLU A 586 6.31 25.78 -3.65
CA GLU A 586 5.94 25.94 -2.29
C GLU A 586 6.07 24.67 -1.52
N LYS A 587 5.51 23.62 -2.16
CA LYS A 587 5.55 22.31 -1.53
C LYS A 587 7.00 21.89 -1.27
N ASN A 588 7.90 22.25 -2.18
CA ASN A 588 9.29 21.87 -2.08
C ASN A 588 10.02 22.54 -0.97
N LYS A 589 9.60 23.77 -0.65
CA LYS A 589 10.23 24.49 0.44
C LYS A 589 9.46 24.35 1.76
N ASP A 590 8.15 24.12 1.64
CA ASP A 590 7.34 23.98 2.82
C ASP A 590 7.65 25.10 3.82
N PRO A 591 7.61 26.36 3.40
CA PRO A 591 7.97 27.52 4.24
C PRO A 591 7.07 27.83 5.43
N LEU A 592 7.67 28.42 6.42
CA LEU A 592 6.93 28.88 7.58
C LEU A 592 7.66 30.12 7.99
N GLN A 593 6.95 31.21 8.24
CA GLN A 593 7.60 32.46 8.61
C GLN A 593 8.53 32.33 9.83
N GLN A 594 9.76 32.82 9.76
CA GLN A 594 10.65 32.70 10.90
C GLN A 594 10.02 33.26 12.16
N ASP A 595 9.34 34.37 12.01
CA ASP A 595 8.69 34.94 13.17
C ASP A 595 7.70 33.95 13.77
N LEU A 596 7.06 33.15 12.96
CA LEU A 596 6.13 32.20 13.57
C LEU A 596 6.93 31.22 14.40
N GLU A 597 8.09 30.81 13.87
CA GLU A 597 8.97 29.90 14.58
C GLU A 597 9.36 30.49 15.93
N LEU A 598 9.81 31.73 15.85
CA LEU A 598 10.19 32.43 17.05
C LEU A 598 9.05 32.42 18.09
N CYS A 599 7.83 32.79 17.69
CA CYS A 599 6.70 32.87 18.61
C CYS A 599 6.51 31.61 19.40
N PHE A 600 6.48 30.52 18.65
CA PHE A 600 6.25 29.21 19.18
C PHE A 600 7.47 28.65 19.94
N LYS A 601 8.68 29.07 19.56
CA LYS A 601 9.86 28.62 20.28
C LYS A 601 9.84 28.92 21.81
N ASP A 602 9.18 30.02 22.18
CA ASP A 602 9.03 30.50 23.54
C ASP A 602 7.78 29.94 24.17
N SER A 603 7.20 28.98 23.52
CA SER A 603 5.96 28.48 24.07
C SER A 603 6.18 27.94 25.45
N SER A 604 5.24 28.28 26.33
CA SER A 604 5.24 27.81 27.71
C SER A 604 4.83 26.37 27.78
N ASP A 605 4.40 25.81 26.63
CA ASP A 605 3.97 24.42 26.66
C ASP A 605 5.15 23.48 26.56
N ASN A 606 5.09 22.40 27.29
CA ASN A 606 6.19 21.49 27.29
C ASN A 606 6.35 20.63 26.04
N VAL A 607 5.25 20.33 25.38
CA VAL A 607 5.34 19.58 24.12
C VAL A 607 5.62 20.55 22.98
N VAL A 608 4.94 21.68 22.99
CA VAL A 608 5.15 22.64 21.94
C VAL A 608 6.54 23.11 21.78
N THR A 609 7.26 23.17 22.86
CA THR A 609 8.64 23.60 22.81
C THR A 609 9.49 22.60 22.03
N LYS A 610 9.12 21.34 22.14
CA LYS A 610 9.94 20.39 21.42
C LYS A 610 9.82 20.52 19.93
N LEU A 611 8.58 20.70 19.49
CA LEU A 611 8.24 20.82 18.08
C LEU A 611 9.00 21.94 17.47
N PHE A 612 9.30 22.99 18.25
CA PHE A 612 10.05 24.11 17.71
C PHE A 612 11.51 24.23 18.09
N ASN A 613 11.91 23.64 19.20
CA ASN A 613 13.29 23.77 19.60
C ASN A 613 14.13 22.52 19.31
N ASP A 614 13.50 21.40 18.95
CA ASP A 614 14.28 20.20 18.65
C ASP A 614 14.56 20.10 17.15
N PRO A 615 15.77 20.48 16.73
CA PRO A 615 16.13 20.46 15.33
C PRO A 615 15.72 19.19 14.64
N ASN A 616 15.62 18.11 15.38
CA ASN A 616 15.22 16.84 14.78
C ASN A 616 13.75 16.73 14.38
N ILE A 617 12.95 17.60 14.94
CA ILE A 617 11.53 17.72 14.72
C ILE A 617 11.30 19.00 13.89
N ALA A 618 11.85 20.12 14.34
CA ALA A 618 11.61 21.40 13.70
C ALA A 618 12.17 21.61 12.33
N SER A 619 13.21 20.85 11.96
CA SER A 619 13.85 21.01 10.65
C SER A 619 14.11 19.74 9.88
N ARG A 620 14.20 19.95 8.57
CA ARG A 620 14.42 18.86 7.67
C ARG A 620 15.83 18.32 7.73
N ALA A 621 16.78 19.21 7.88
CA ALA A 621 18.16 18.78 7.83
C ALA A 621 19.00 18.98 9.08
N PHE A 627 19.07 24.18 5.00
CA PHE A 627 18.34 22.92 5.03
C PHE A 627 18.20 22.28 3.64
N ILE A 628 17.72 21.07 3.57
CA ILE A 628 17.54 20.43 2.30
C ILE A 628 16.08 20.53 1.89
N THR A 629 15.74 20.32 0.59
CA THR A 629 14.36 20.47 0.16
C THR A 629 13.51 19.30 0.54
N VAL A 630 12.18 19.42 0.31
CA VAL A 630 11.23 18.33 0.59
C VAL A 630 11.57 17.16 -0.31
N ALA A 631 11.85 17.53 -1.55
CA ALA A 631 12.24 16.50 -2.53
C ALA A 631 13.48 15.75 -2.20
N ALA A 632 14.49 16.50 -1.74
CA ALA A 632 15.79 15.94 -1.40
C ALA A 632 15.63 15.04 -0.18
N GLN A 633 14.78 15.41 0.74
CA GLN A 633 14.53 14.57 1.92
C GLN A 633 13.78 13.29 1.49
N TYR A 634 12.83 13.43 0.58
CA TYR A 634 12.10 12.26 0.11
C TYR A 634 13.01 11.29 -0.57
N LYS A 635 13.88 11.85 -1.38
CA LYS A 635 14.80 11.04 -2.08
C LYS A 635 15.74 10.27 -1.13
N GLU A 636 16.24 10.95 -0.14
CA GLU A 636 17.15 10.38 0.84
C GLU A 636 16.45 9.37 1.67
N GLN A 637 15.26 9.73 2.17
CA GLN A 637 14.52 8.70 2.93
C GLN A 637 14.15 7.40 2.12
N LEU A 638 13.90 7.55 0.82
CA LEU A 638 13.56 6.42 -0.04
C LEU A 638 14.81 5.56 -0.21
N ALA A 639 15.96 6.20 -0.42
CA ALA A 639 17.19 5.42 -0.57
C ALA A 639 17.51 4.66 0.74
N SER A 640 17.28 5.30 1.92
CA SER A 640 17.56 4.55 3.13
C SER A 640 16.70 3.32 3.24
N LEU A 641 15.39 3.50 2.98
CA LEU A 641 14.43 2.40 3.03
C LEU A 641 14.90 1.31 2.09
N MET A 642 15.23 1.72 0.88
CA MET A 642 15.60 0.65 -0.01
C MET A 642 16.87 -0.05 0.49
N ALA A 643 17.75 0.70 1.11
CA ALA A 643 19.02 0.11 1.55
C ALA A 643 18.65 -1.02 2.49
N THR A 644 17.81 -0.67 3.45
CA THR A 644 17.31 -1.65 4.40
C THR A 644 16.73 -2.87 3.73
N LEU A 645 15.77 -2.63 2.90
CA LEU A 645 15.10 -3.71 2.25
C LEU A 645 16.04 -4.66 1.56
N GLU A 646 17.07 -4.09 0.94
CA GLU A 646 18.04 -4.80 0.21
C GLU A 646 18.73 -5.74 1.13
N THR A 647 18.76 -5.43 2.42
CA THR A 647 19.42 -6.40 3.31
C THR A 647 18.44 -7.48 3.79
N THR A 648 17.14 -7.48 3.35
CA THR A 648 16.23 -8.49 3.89
C THR A 648 15.89 -9.51 2.87
N ASN A 649 15.19 -10.52 3.32
CA ASN A 649 14.67 -11.48 2.40
C ASN A 649 13.20 -10.99 2.34
N PRO A 650 12.74 -10.45 1.23
CA PRO A 650 11.44 -9.83 1.13
C PRO A 650 10.28 -10.76 0.76
N HIS A 651 9.08 -10.34 1.16
CA HIS A 651 7.84 -11.07 0.89
C HIS A 651 6.87 -9.99 0.40
N PHE A 652 6.17 -10.31 -0.67
CA PHE A 652 5.28 -9.35 -1.34
C PHE A 652 3.81 -9.65 -1.26
N VAL A 653 3.07 -8.73 -0.66
CA VAL A 653 1.63 -8.84 -0.57
C VAL A 653 0.97 -7.74 -1.43
N ARG A 654 0.17 -8.16 -2.42
CA ARG A 654 -0.56 -7.25 -3.31
C ARG A 654 -2.04 -7.25 -2.94
N CYS A 655 -2.45 -6.22 -2.25
CA CYS A 655 -3.83 -6.01 -1.86
C CYS A 655 -4.59 -5.38 -3.04
N ILE A 656 -5.80 -5.85 -3.31
CA ILE A 656 -6.64 -5.41 -4.41
C ILE A 656 -8.03 -5.05 -3.97
N ILE A 657 -8.52 -3.98 -4.48
CA ILE A 657 -9.85 -3.54 -4.08
C ILE A 657 -10.81 -4.21 -5.10
N PRO A 658 -11.91 -4.85 -4.69
CA PRO A 658 -12.72 -5.50 -5.70
C PRO A 658 -13.57 -4.52 -6.56
N ASN A 659 -13.85 -3.33 -6.04
CA ASN A 659 -14.67 -2.33 -6.76
C ASN A 659 -14.42 -1.03 -6.12
N ASN A 660 -15.10 0.03 -6.57
CA ASN A 660 -14.93 1.37 -6.02
C ASN A 660 -16.04 1.77 -5.08
N LYS A 661 -16.86 0.82 -4.77
CA LYS A 661 -17.96 1.14 -3.92
C LYS A 661 -17.84 0.64 -2.51
N GLN A 662 -16.74 0.03 -2.09
CA GLN A 662 -16.75 -0.44 -0.69
C GLN A 662 -17.85 -1.47 -0.38
N LEU A 663 -18.20 -2.30 -1.35
CA LEU A 663 -19.22 -3.31 -1.20
C LEU A 663 -18.67 -4.74 -1.24
N PRO A 664 -19.34 -5.70 -0.52
CA PRO A 664 -18.91 -7.08 -0.60
C PRO A 664 -19.56 -7.68 -1.82
N ALA A 665 -19.13 -8.87 -2.14
CA ALA A 665 -19.68 -9.71 -3.20
C ALA A 665 -19.84 -8.95 -4.49
N LYS A 666 -18.89 -8.11 -4.81
CA LYS A 666 -19.00 -7.35 -6.05
C LYS A 666 -17.63 -7.10 -6.68
N LEU A 667 -17.08 -8.16 -7.29
CA LEU A 667 -15.76 -8.15 -7.89
C LEU A 667 -15.86 -7.75 -9.34
N GLU A 668 -15.42 -6.53 -9.59
CA GLU A 668 -15.51 -5.93 -10.91
C GLU A 668 -14.28 -6.15 -11.76
N ASP A 669 -14.47 -6.90 -12.85
CA ASP A 669 -13.40 -7.24 -13.72
C ASP A 669 -12.51 -6.08 -14.12
N LYS A 670 -13.11 -4.99 -14.53
CA LYS A 670 -12.27 -3.90 -15.00
C LYS A 670 -11.47 -3.31 -13.87
N VAL A 671 -12.12 -3.17 -12.72
CA VAL A 671 -11.44 -2.61 -11.59
C VAL A 671 -10.28 -3.49 -11.15
N VAL A 672 -10.55 -4.75 -11.13
CA VAL A 672 -9.54 -5.71 -10.72
C VAL A 672 -8.38 -5.77 -11.70
N LEU A 673 -8.68 -6.04 -12.97
CA LEU A 673 -7.66 -6.19 -13.99
C LEU A 673 -6.67 -5.06 -14.10
N ASP A 674 -7.25 -3.89 -13.94
CA ASP A 674 -6.47 -2.67 -13.96
C ASP A 674 -5.41 -2.75 -12.83
N GLN A 675 -5.80 -3.21 -11.63
CA GLN A 675 -4.79 -3.30 -10.59
C GLN A 675 -3.80 -4.38 -10.87
N LEU A 676 -4.29 -5.48 -11.43
CA LEU A 676 -3.37 -6.56 -11.70
C LEU A 676 -2.36 -6.11 -12.71
N ARG A 677 -2.80 -5.26 -13.62
CA ARG A 677 -1.86 -4.80 -14.61
C ARG A 677 -0.81 -3.89 -13.95
N CYS A 678 -1.26 -2.98 -13.09
CA CYS A 678 -0.36 -2.01 -12.48
C CYS A 678 0.58 -2.44 -11.40
N ASN A 679 0.23 -3.52 -10.71
CA ASN A 679 0.98 -3.91 -9.54
C ASN A 679 1.99 -4.96 -9.77
N GLY A 680 2.16 -5.31 -11.05
CA GLY A 680 3.20 -6.30 -11.32
C GLY A 680 2.73 -7.74 -11.40
N VAL A 681 1.49 -8.10 -11.00
CA VAL A 681 1.04 -9.49 -11.02
C VAL A 681 0.95 -10.13 -12.40
N LEU A 682 0.28 -9.48 -13.32
CA LEU A 682 0.13 -10.00 -14.68
C LEU A 682 1.46 -10.02 -15.41
N GLU A 683 2.34 -9.02 -15.14
CA GLU A 683 3.64 -9.02 -15.84
C GLU A 683 4.51 -10.18 -15.39
N GLY A 684 4.53 -10.40 -14.10
CA GLY A 684 5.29 -11.50 -13.64
C GLY A 684 4.74 -12.77 -14.24
N ILE A 685 3.43 -12.82 -14.41
CA ILE A 685 2.88 -14.05 -14.97
C ILE A 685 3.34 -14.15 -16.41
N ARG A 686 3.22 -13.03 -17.14
CA ARG A 686 3.67 -13.00 -18.50
C ARG A 686 5.04 -13.66 -18.60
N ILE A 687 5.98 -13.16 -17.79
CA ILE A 687 7.37 -13.64 -17.67
C ILE A 687 7.47 -15.14 -17.36
N THR A 688 6.82 -15.50 -16.32
CA THR A 688 6.77 -16.87 -15.91
C THR A 688 6.27 -17.79 -17.04
N ARG A 689 5.06 -17.50 -17.52
CA ARG A 689 4.37 -18.24 -18.56
C ARG A 689 5.28 -18.58 -19.75
N LYS A 690 6.33 -17.81 -19.90
CA LYS A 690 7.22 -18.02 -21.00
C LYS A 690 8.12 -19.23 -20.90
N GLY A 691 8.50 -19.59 -19.69
CA GLY A 691 9.41 -20.72 -19.52
C GLY A 691 8.73 -22.01 -19.19
N PHE A 692 8.76 -22.30 -17.89
CA PHE A 692 8.16 -23.50 -17.33
C PHE A 692 7.44 -23.11 -16.07
N PRO A 693 6.33 -22.44 -16.26
CA PRO A 693 5.48 -21.99 -15.19
C PRO A 693 5.00 -23.14 -14.32
N ASN A 694 4.68 -24.29 -14.92
CA ASN A 694 4.23 -25.37 -14.09
C ASN A 694 5.37 -26.27 -13.76
N ARG A 695 5.46 -26.59 -12.47
CA ARG A 695 6.50 -27.44 -11.96
C ARG A 695 5.89 -28.34 -10.91
N ILE A 696 5.93 -29.65 -11.12
CA ILE A 696 5.24 -30.51 -10.17
C ILE A 696 6.14 -31.59 -9.62
N ILE A 697 5.85 -31.96 -8.35
CA ILE A 697 6.54 -33.00 -7.60
C ILE A 697 6.12 -34.30 -8.23
N TYR A 698 7.13 -35.08 -8.68
CA TYR A 698 6.96 -36.34 -9.38
C TYR A 698 5.78 -37.18 -8.91
N ALA A 699 5.80 -37.53 -7.62
CA ALA A 699 4.77 -38.34 -6.98
C ALA A 699 3.40 -37.70 -7.08
N ASP A 700 3.38 -36.36 -6.93
CA ASP A 700 2.14 -35.58 -7.02
C ASP A 700 1.51 -35.84 -8.38
N PHE A 701 2.38 -35.76 -9.38
CA PHE A 701 1.97 -36.00 -10.76
C PHE A 701 1.33 -37.40 -10.97
N VAL A 702 2.04 -38.47 -10.58
CA VAL A 702 1.55 -39.85 -10.72
C VAL A 702 0.31 -40.05 -9.92
N LYS A 703 0.33 -39.43 -8.74
CA LYS A 703 -0.81 -39.62 -7.88
C LYS A 703 -2.12 -39.37 -8.57
N ARG A 704 -2.03 -38.39 -9.49
CA ARG A 704 -3.12 -37.94 -10.32
C ARG A 704 -3.22 -38.60 -11.69
N TYR A 705 -2.11 -38.79 -12.37
CA TYR A 705 -2.23 -39.33 -13.73
C TYR A 705 -1.85 -40.77 -14.08
N TYR A 706 -1.55 -41.55 -13.05
CA TYR A 706 -1.18 -42.93 -13.22
C TYR A 706 -2.04 -43.66 -14.24
N LEU A 707 -3.35 -43.59 -14.00
CA LEU A 707 -4.39 -44.22 -14.80
C LEU A 707 -4.34 -43.84 -16.25
N LEU A 708 -3.56 -42.81 -16.58
CA LEU A 708 -3.49 -42.39 -17.99
C LEU A 708 -2.56 -43.25 -18.83
N ALA A 709 -1.71 -43.99 -18.15
CA ALA A 709 -0.78 -44.85 -18.85
C ALA A 709 -1.00 -46.29 -18.47
N PRO A 710 -0.86 -47.17 -19.48
CA PRO A 710 -1.04 -48.60 -19.32
C PRO A 710 0.22 -49.15 -18.72
N ASN A 711 0.37 -48.96 -17.41
CA ASN A 711 1.59 -49.41 -16.74
C ASN A 711 1.59 -49.10 -15.23
N VAL A 712 1.56 -47.82 -14.98
CA VAL A 712 1.65 -47.00 -13.74
C VAL A 712 0.68 -47.13 -12.51
N PRO A 713 1.37 -47.46 -11.39
CA PRO A 713 0.76 -47.56 -10.11
C PRO A 713 0.72 -46.18 -9.45
N ARG A 714 -0.49 -45.86 -8.93
CA ARG A 714 -0.72 -44.59 -8.29
C ARG A 714 0.44 -44.19 -7.42
N ASP A 715 0.80 -45.04 -6.42
CA ASP A 715 1.92 -44.76 -5.53
C ASP A 715 3.24 -45.48 -5.81
N ALA A 716 3.81 -45.25 -7.00
CA ALA A 716 5.09 -45.85 -7.43
C ALA A 716 6.33 -45.32 -6.69
N GLU A 717 7.36 -46.14 -6.49
CA GLU A 717 8.50 -45.58 -5.79
C GLU A 717 9.42 -44.82 -6.72
N ASP A 718 9.45 -45.26 -7.95
CA ASP A 718 10.29 -44.54 -8.87
C ASP A 718 9.45 -43.53 -9.62
N SER A 719 9.14 -42.45 -8.89
CA SER A 719 8.30 -41.37 -9.35
C SER A 719 8.66 -40.73 -10.67
N GLN A 720 9.91 -40.42 -10.83
CA GLN A 720 10.28 -39.84 -12.10
C GLN A 720 10.03 -40.79 -13.25
N LYS A 721 10.36 -42.06 -13.04
CA LYS A 721 10.18 -43.01 -14.10
C LYS A 721 8.72 -43.02 -14.46
N ALA A 722 7.99 -43.18 -13.39
CA ALA A 722 6.56 -43.23 -13.46
C ALA A 722 6.04 -42.10 -14.32
N THR A 723 6.60 -40.92 -14.09
CA THR A 723 6.24 -39.72 -14.80
C THR A 723 6.53 -39.81 -16.28
N ASP A 724 7.75 -40.23 -16.57
CA ASP A 724 8.23 -40.42 -17.92
C ASP A 724 7.30 -41.40 -18.60
N ALA A 725 6.86 -42.34 -17.79
CA ALA A 725 5.94 -43.35 -18.26
C ALA A 725 4.72 -42.71 -18.91
N VAL A 726 3.97 -42.04 -18.05
CA VAL A 726 2.77 -41.40 -18.48
C VAL A 726 3.03 -40.62 -19.71
N LEU A 727 4.06 -39.78 -19.54
CA LEU A 727 4.51 -38.89 -20.60
C LEU A 727 4.69 -39.64 -21.91
N LYS A 728 5.41 -40.73 -21.79
CA LYS A 728 5.66 -41.53 -22.95
C LYS A 728 4.41 -42.13 -23.54
N HIS A 729 3.58 -42.62 -22.63
CA HIS A 729 2.36 -43.22 -23.05
C HIS A 729 1.65 -42.28 -23.98
N LEU A 730 1.50 -41.07 -23.47
CA LEU A 730 0.88 -39.96 -24.16
C LEU A 730 1.58 -39.49 -25.43
N ASN A 731 2.92 -39.71 -25.50
CA ASN A 731 3.68 -39.30 -26.65
C ASN A 731 3.73 -37.79 -26.66
N ILE A 732 3.89 -37.22 -25.48
CA ILE A 732 3.94 -35.79 -25.38
C ILE A 732 5.25 -35.31 -25.99
N ASP A 733 5.23 -34.09 -26.53
CA ASP A 733 6.40 -33.48 -27.14
C ASP A 733 7.39 -33.07 -26.08
N PRO A 734 8.57 -33.68 -26.17
CA PRO A 734 9.71 -33.45 -25.30
C PRO A 734 10.07 -31.97 -25.07
N GLU A 735 9.91 -31.12 -26.05
CA GLU A 735 10.28 -29.78 -25.79
C GLU A 735 9.39 -29.13 -24.78
N GLN A 736 8.21 -29.69 -24.60
CA GLN A 736 7.21 -29.11 -23.68
C GLN A 736 7.38 -29.41 -22.22
N TYR A 737 8.38 -30.20 -21.88
CA TYR A 737 8.55 -30.56 -20.48
C TYR A 737 10.01 -30.68 -20.15
N ARG A 738 10.35 -30.62 -18.86
CA ARG A 738 11.75 -30.73 -18.49
C ARG A 738 11.88 -31.55 -17.23
N PHE A 739 12.77 -32.56 -17.26
CA PHE A 739 13.01 -33.40 -16.09
C PHE A 739 13.90 -32.72 -15.03
N GLY A 740 13.28 -32.39 -13.93
CA GLY A 740 14.07 -31.76 -12.93
C GLY A 740 14.34 -32.77 -11.86
N ILE A 741 15.32 -32.45 -11.04
CA ILE A 741 15.72 -33.26 -9.89
C ILE A 741 14.63 -33.69 -8.94
N THR A 742 13.52 -32.98 -8.87
CA THR A 742 12.46 -33.39 -7.95
C THR A 742 11.07 -33.16 -8.50
N LYS A 743 11.02 -32.33 -9.54
CA LYS A 743 9.77 -31.97 -10.17
C LYS A 743 9.87 -32.08 -11.65
N ILE A 744 8.70 -32.16 -12.18
CA ILE A 744 8.59 -32.18 -13.60
C ILE A 744 8.13 -30.80 -13.97
N PHE A 745 8.96 -30.15 -14.80
CA PHE A 745 8.76 -28.80 -15.34
C PHE A 745 8.00 -28.88 -16.63
N PHE A 746 6.94 -28.10 -16.64
CA PHE A 746 6.03 -28.01 -17.79
C PHE A 746 5.89 -26.59 -18.34
N ARG A 747 5.75 -26.55 -19.66
CA ARG A 747 5.53 -25.32 -20.37
C ARG A 747 4.05 -25.05 -20.41
N ALA A 748 3.71 -23.81 -20.73
CA ALA A 748 2.31 -23.34 -20.77
C ALA A 748 1.43 -24.19 -21.67
N GLY A 749 0.24 -24.57 -21.14
CA GLY A 749 -0.78 -25.40 -21.80
C GLY A 749 -0.56 -26.90 -21.78
N GLN A 750 0.70 -27.32 -21.68
CA GLN A 750 1.00 -28.75 -21.67
C GLN A 750 0.18 -29.56 -20.68
N LEU A 751 0.25 -29.13 -19.43
CA LEU A 751 -0.44 -29.77 -18.33
C LEU A 751 -1.96 -29.79 -18.53
N ALA A 752 -2.48 -28.76 -19.17
CA ALA A 752 -3.93 -28.72 -19.37
C ALA A 752 -4.33 -29.81 -20.38
N ARG A 753 -3.52 -29.93 -21.40
CA ARG A 753 -3.80 -30.95 -22.37
C ARG A 753 -3.77 -32.29 -21.71
N ILE A 754 -2.75 -32.44 -20.89
CA ILE A 754 -2.55 -33.67 -20.16
C ILE A 754 -3.83 -34.00 -19.43
N GLU A 755 -4.27 -33.01 -18.68
CA GLU A 755 -5.47 -33.11 -17.92
C GLU A 755 -6.56 -33.64 -18.80
N GLU A 756 -6.60 -33.05 -19.99
CA GLU A 756 -7.58 -33.34 -21.05
C GLU A 756 -7.51 -34.75 -21.62
N ALA A 757 -6.58 -35.56 -21.10
CA ALA A 757 -6.36 -36.92 -21.57
C ALA A 757 -7.32 -37.97 -21.00
N ARG A 758 -7.68 -38.94 -21.87
CA ARG A 758 -8.58 -40.07 -21.58
C ARG A 758 -7.89 -41.17 -20.77
N GLU A 759 -8.52 -41.57 -19.64
CA GLU A 759 -7.96 -42.58 -18.74
C GLU A 759 -8.16 -44.00 -19.28
#